data_1ZT2
#
_entry.id   1ZT2
#
_cell.length_a   193.287
_cell.length_b   193.287
_cell.length_c   213.029
_cell.angle_alpha   90.00
_cell.angle_beta   90.00
_cell.angle_gamma   90.00
#
_symmetry.space_group_name_H-M   'P 42 21 2'
#
loop_
_entity.id
_entity.type
_entity.pdbx_description
1 polymer 'DNA primase small subunit'
2 polymer 'DNA primase large subunit'
3 non-polymer 'ZINC ION'
4 non-polymer 'SULFATE ION'
5 water water
#
loop_
_entity_poly.entity_id
_entity_poly.type
_entity_poly.pdbx_seq_one_letter_code
_entity_poly.pdbx_strand_id
1 'polypeptide(L)'
;MGTFTLHQGQTNLIKSFFRNYYLNAELELPKDMELREFALQPFGSDTYVRHLSFSSSEELRDYLVNRNLPLHLFYSSARY
QLPSARNMEEKAWMGSDLLFDIDADHLCKLRSIRFCPVCGNAVVSEKCERDNVETLEYVEMTSECIKRGLEQTRNLVEIL
EDDFGLKPKVYFSGNRGFHVQVDCYGNCALLDSDERKEIAEYVMGIGVPGYPGGSENAPGWVGRKNRGINGVTIDEQVTI
DVKRLIRIPNSLHGKSGLIVKRVPNLDDFEFNETLSPFTGYTIFLPYITIETEVLGSIIKLNRGIPIKIKSSIGIYLHLR
NLGEVKAYVR
;
A,C
2 'polypeptide(L)'
;MALDVKKYPFIKSLDDELKKYGGGITLTDLLLNSTTLIDQAKDRIQKTKSGDELPHYVSYNEPVLVFYTTLLSLAILNDV
KLIRRYAYAEAKQFRSLLHTENEENLLEISKLLDLKINRCDPIKFYLEKKRRIIQKEFCVHFIDYLKYTKDLKEDWKLSG
QILHKGYVYLDKNQLIGLIAESIKSKIVEMIRPLNLKEIPEKLKSLIERRGI
;
B,D
#
# COMPACT_ATOMS: atom_id res chain seq x y z
N THR A 3 -19.52 -26.21 -37.99
CA THR A 3 -18.74 -26.73 -39.12
C THR A 3 -18.24 -25.62 -40.03
N PHE A 4 -19.03 -24.55 -40.14
CA PHE A 4 -18.69 -23.40 -40.97
C PHE A 4 -18.72 -22.13 -40.10
N THR A 5 -18.65 -22.32 -38.79
CA THR A 5 -18.67 -21.21 -37.85
C THR A 5 -17.33 -20.48 -37.86
N LEU A 6 -17.38 -19.18 -38.12
CA LEU A 6 -16.17 -18.36 -38.16
C LEU A 6 -15.70 -18.01 -36.76
N HIS A 7 -14.44 -18.32 -36.48
CA HIS A 7 -13.86 -18.02 -35.17
C HIS A 7 -12.92 -16.84 -35.28
N GLN A 8 -13.46 -15.66 -34.98
CA GLN A 8 -12.69 -14.43 -35.05
C GLN A 8 -13.04 -13.49 -33.90
N GLY A 9 -12.02 -13.12 -33.13
CA GLY A 9 -12.19 -12.23 -31.99
C GLY A 9 -12.25 -10.76 -32.38
N GLN A 10 -13.16 -10.03 -31.74
CA GLN A 10 -13.33 -8.60 -31.98
C GLN A 10 -12.16 -7.83 -31.37
N THR A 11 -11.35 -7.19 -32.22
CA THR A 11 -10.20 -6.41 -31.75
C THR A 11 -10.66 -5.21 -30.94
N ASN A 12 -10.00 -4.97 -29.81
CA ASN A 12 -10.38 -3.83 -28.98
C ASN A 12 -10.03 -2.49 -29.62
N LEU A 13 -11.07 -1.81 -30.09
CA LEU A 13 -10.92 -0.53 -30.75
C LEU A 13 -10.55 0.54 -29.73
N ILE A 14 -11.14 0.43 -28.55
CA ILE A 14 -10.88 1.38 -27.46
C ILE A 14 -9.38 1.57 -27.27
N LYS A 15 -8.68 0.45 -27.16
CA LYS A 15 -7.24 0.50 -26.96
C LYS A 15 -6.61 1.21 -28.16
N SER A 16 -7.25 1.07 -29.32
CA SER A 16 -6.75 1.70 -30.55
C SER A 16 -6.84 3.21 -30.41
N PHE A 17 -8.03 3.66 -30.05
CA PHE A 17 -8.31 5.08 -29.84
C PHE A 17 -7.28 5.65 -28.89
N PHE A 18 -7.18 5.03 -27.71
CA PHE A 18 -6.24 5.51 -26.72
C PHE A 18 -4.85 5.58 -27.28
N ARG A 19 -4.40 4.49 -27.91
CA ARG A 19 -3.05 4.46 -28.46
C ARG A 19 -2.85 5.64 -29.39
N ASN A 20 -3.77 5.81 -30.33
CA ASN A 20 -3.67 6.91 -31.27
C ASN A 20 -3.55 8.24 -30.52
N TYR A 21 -4.39 8.40 -29.49
CA TYR A 21 -4.38 9.63 -28.72
C TYR A 21 -3.01 9.91 -28.10
N TYR A 22 -2.58 8.99 -27.25
CA TYR A 22 -1.31 9.12 -26.54
C TYR A 22 -0.12 9.25 -27.50
N LEU A 23 -0.32 8.78 -28.71
CA LEU A 23 0.70 8.84 -29.73
C LEU A 23 1.02 10.27 -30.15
N ASN A 24 0.02 11.15 -30.06
CA ASN A 24 0.22 12.53 -30.46
C ASN A 24 -0.10 13.55 -29.37
N ALA A 25 -0.76 13.09 -28.32
CA ALA A 25 -1.12 13.95 -27.21
C ALA A 25 0.12 14.58 -26.57
N GLU A 26 -0.04 15.82 -26.09
CA GLU A 26 1.05 16.53 -25.43
C GLU A 26 0.73 16.71 -23.94
N LEU A 27 1.08 15.72 -23.15
CA LEU A 27 0.82 15.74 -21.72
C LEU A 27 1.45 16.90 -20.95
N GLU A 28 0.75 17.35 -19.90
CA GLU A 28 1.22 18.44 -19.05
C GLU A 28 2.11 17.84 -17.98
N LEU A 29 3.41 17.87 -18.22
CA LEU A 29 4.38 17.27 -17.31
C LEU A 29 5.26 18.26 -16.58
N PRO A 30 5.52 17.98 -15.30
CA PRO A 30 6.38 18.82 -14.48
C PRO A 30 7.81 18.84 -15.02
N LYS A 31 8.54 19.91 -14.74
CA LYS A 31 9.93 20.01 -15.19
C LYS A 31 10.81 19.01 -14.43
N ASP A 32 10.47 18.82 -13.15
CA ASP A 32 11.18 17.88 -12.28
C ASP A 32 10.68 16.46 -12.53
N MET A 33 10.48 16.15 -13.80
CA MET A 33 9.97 14.86 -14.22
C MET A 33 10.78 13.69 -13.67
N GLU A 34 12.10 13.80 -13.85
CA GLU A 34 13.04 12.78 -13.41
C GLU A 34 12.95 12.42 -11.92
N LEU A 35 12.27 13.25 -11.15
CA LEU A 35 12.16 13.03 -9.71
C LEU A 35 10.83 12.42 -9.28
N ARG A 36 9.94 12.20 -10.25
CA ARG A 36 8.62 11.67 -9.92
C ARG A 36 8.38 10.24 -10.37
N GLU A 37 7.71 9.47 -9.53
CA GLU A 37 7.36 8.09 -9.87
C GLU A 37 6.07 8.09 -10.66
N PHE A 38 6.07 7.40 -11.80
CA PHE A 38 4.88 7.30 -12.61
C PHE A 38 4.20 5.97 -12.39
N ALA A 39 2.88 5.96 -12.44
CA ALA A 39 2.15 4.71 -12.27
C ALA A 39 1.14 4.64 -13.40
N LEU A 40 0.48 3.50 -13.53
CA LEU A 40 -0.48 3.35 -14.59
C LEU A 40 -1.29 2.09 -14.42
N GLN A 41 -2.60 2.19 -14.60
CA GLN A 41 -3.43 1.01 -14.55
C GLN A 41 -3.64 0.63 -16.01
N PRO A 42 -3.26 -0.59 -16.37
CA PRO A 42 -3.40 -1.04 -17.76
C PRO A 42 -4.81 -1.57 -17.97
N PHE A 43 -5.15 -1.86 -19.22
CA PHE A 43 -6.46 -2.41 -19.50
C PHE A 43 -6.44 -3.85 -19.01
N GLY A 44 -7.61 -4.41 -18.71
CA GLY A 44 -7.66 -5.82 -18.29
C GLY A 44 -6.82 -6.19 -17.07
N SER A 45 -6.30 -5.16 -16.38
CA SER A 45 -5.58 -5.39 -15.12
C SER A 45 -6.00 -4.41 -14.05
N ASP A 46 -6.49 -4.94 -12.93
CA ASP A 46 -6.91 -4.11 -11.82
C ASP A 46 -5.73 -3.54 -11.05
N THR A 47 -4.61 -4.24 -11.07
CA THR A 47 -3.42 -3.80 -10.36
C THR A 47 -2.56 -2.82 -11.17
N TYR A 48 -2.00 -1.84 -10.46
CA TYR A 48 -1.14 -0.79 -11.06
C TYR A 48 0.24 -1.30 -11.42
N VAL A 49 0.86 -0.59 -12.35
CA VAL A 49 2.21 -0.87 -12.81
C VAL A 49 3.04 0.31 -12.32
N ARG A 50 3.36 0.29 -11.03
CA ARG A 50 4.09 1.37 -10.35
C ARG A 50 5.61 1.49 -10.54
N HIS A 51 6.21 2.32 -9.70
CA HIS A 51 7.64 2.54 -9.67
C HIS A 51 8.39 2.76 -10.98
N LEU A 52 7.69 3.34 -11.95
CA LEU A 52 8.31 3.68 -13.23
C LEU A 52 8.96 5.03 -13.04
N SER A 53 9.90 5.39 -13.92
CA SER A 53 10.53 6.70 -13.85
C SER A 53 11.12 7.09 -15.20
N PHE A 54 10.58 8.17 -15.77
CA PHE A 54 11.03 8.65 -17.06
C PHE A 54 11.69 10.01 -16.87
N SER A 55 12.24 10.56 -17.95
CA SER A 55 12.91 11.84 -17.87
C SER A 55 12.75 12.62 -19.16
N SER A 56 11.70 12.28 -19.91
CA SER A 56 11.41 12.94 -21.17
C SER A 56 10.00 12.59 -21.59
N SER A 57 9.30 13.53 -22.21
CA SER A 57 7.96 13.27 -22.69
C SER A 57 8.02 12.05 -23.61
N GLU A 58 9.04 12.02 -24.47
CA GLU A 58 9.25 10.94 -25.42
C GLU A 58 9.38 9.58 -24.76
N GLU A 59 10.22 9.49 -23.74
CA GLU A 59 10.41 8.24 -23.00
C GLU A 59 9.06 7.73 -22.57
N LEU A 60 8.31 8.61 -21.92
CA LEU A 60 6.99 8.30 -21.42
C LEU A 60 6.06 7.87 -22.57
N ARG A 61 6.09 8.61 -23.66
CA ARG A 61 5.27 8.36 -24.83
C ARG A 61 5.49 6.96 -25.38
N ASP A 62 6.77 6.63 -25.55
CA ASP A 62 7.15 5.34 -26.11
C ASP A 62 6.69 4.19 -25.23
N TYR A 63 6.90 4.33 -23.92
CA TYR A 63 6.49 3.28 -23.00
C TYR A 63 5.00 3.00 -23.13
N LEU A 64 4.22 4.06 -23.30
CA LEU A 64 2.76 3.92 -23.40
C LEU A 64 2.33 3.28 -24.70
N VAL A 65 2.75 3.87 -25.82
CA VAL A 65 2.39 3.39 -27.14
C VAL A 65 3.00 2.03 -27.51
N ASN A 66 4.18 1.75 -26.98
CA ASN A 66 4.87 0.49 -27.27
C ASN A 66 4.78 -0.55 -26.17
N ARG A 67 5.32 -0.24 -25.01
CA ARG A 67 5.29 -1.18 -23.91
C ARG A 67 3.88 -1.40 -23.30
N ASN A 68 3.48 -0.55 -22.36
CA ASN A 68 2.17 -0.67 -21.72
C ASN A 68 1.21 0.53 -21.97
N LEU A 69 -0.03 0.22 -22.36
CA LEU A 69 -1.04 1.25 -22.61
C LEU A 69 -1.88 1.44 -21.36
N PRO A 70 -1.91 2.69 -20.89
CA PRO A 70 -2.64 3.05 -19.68
C PRO A 70 -4.12 3.34 -19.89
N LEU A 71 -4.95 2.69 -19.08
CA LEU A 71 -6.39 2.95 -19.06
C LEU A 71 -6.53 4.16 -18.13
N HIS A 72 -5.61 4.23 -17.17
CA HIS A 72 -5.51 5.32 -16.20
C HIS A 72 -4.01 5.61 -16.06
N LEU A 73 -3.62 6.88 -16.08
CA LEU A 73 -2.20 7.24 -16.01
C LEU A 73 -1.90 8.40 -15.06
N PHE A 74 -1.08 8.14 -14.04
CA PHE A 74 -0.72 9.19 -13.08
C PHE A 74 0.77 9.39 -12.86
N TYR A 75 1.08 10.15 -11.82
CA TYR A 75 2.46 10.41 -11.39
C TYR A 75 2.40 10.99 -9.98
N SER A 76 3.27 10.50 -9.10
CA SER A 76 3.28 10.95 -7.71
C SER A 76 3.40 12.48 -7.58
N SER A 77 2.73 13.01 -6.56
CA SER A 77 2.73 14.43 -6.25
C SER A 77 4.09 14.71 -5.64
N ALA A 78 4.56 13.71 -4.90
CA ALA A 78 5.84 13.76 -4.21
C ALA A 78 7.04 13.76 -5.17
N ARG A 79 8.10 14.47 -4.77
CA ARG A 79 9.33 14.51 -5.54
C ARG A 79 10.36 13.64 -4.80
N TYR A 80 10.98 12.72 -5.51
CA TYR A 80 11.97 11.83 -4.92
C TYR A 80 13.34 12.01 -5.55
N GLN A 81 14.31 11.27 -5.02
CA GLN A 81 15.65 11.28 -5.58
C GLN A 81 15.84 9.98 -6.37
N LEU A 82 15.08 8.96 -5.98
CA LEU A 82 15.09 7.66 -6.65
C LEU A 82 13.65 7.21 -6.87
N PRO A 83 12.95 7.91 -7.76
CA PRO A 83 11.56 7.60 -8.06
C PRO A 83 11.30 6.11 -8.27
N SER A 84 12.33 5.40 -8.72
CA SER A 84 12.22 3.97 -9.00
C SER A 84 12.42 3.06 -7.79
N ALA A 85 13.09 3.56 -6.75
CA ALA A 85 13.35 2.79 -5.54
C ALA A 85 12.08 2.10 -5.05
N ARG A 86 12.24 1.04 -4.26
CA ARG A 86 11.08 0.30 -3.76
C ARG A 86 10.78 0.57 -2.29
N ASN A 87 11.79 1.00 -1.54
CA ASN A 87 11.63 1.30 -0.12
C ASN A 87 11.62 2.81 0.15
N MET A 88 10.62 3.26 0.91
CA MET A 88 10.48 4.68 1.24
C MET A 88 11.78 5.34 1.69
N GLU A 89 12.61 4.58 2.40
CA GLU A 89 13.88 5.09 2.89
C GLU A 89 14.87 5.34 1.76
N GLU A 90 14.80 4.49 0.74
CA GLU A 90 15.68 4.61 -0.42
C GLU A 90 15.19 5.72 -1.35
N LYS A 91 13.89 5.74 -1.60
CA LYS A 91 13.27 6.75 -2.46
C LYS A 91 13.76 8.16 -2.12
N ALA A 92 13.62 8.53 -0.85
CA ALA A 92 14.06 9.83 -0.37
C ALA A 92 13.10 10.96 -0.75
N TRP A 93 11.98 11.07 -0.05
CA TRP A 93 11.01 12.12 -0.29
C TRP A 93 11.66 13.47 0.02
N MET A 94 11.34 14.49 -0.76
CA MET A 94 11.93 15.81 -0.56
C MET A 94 10.99 16.89 -1.05
N GLY A 95 9.72 16.77 -0.66
CA GLY A 95 8.70 17.73 -1.05
C GLY A 95 7.55 17.09 -1.82
N SER A 96 6.36 17.62 -1.65
CA SER A 96 5.19 17.14 -2.37
C SER A 96 4.26 18.31 -2.65
N ASP A 97 3.60 18.27 -3.79
CA ASP A 97 2.70 19.34 -4.20
C ASP A 97 1.46 19.39 -3.31
N LEU A 98 0.78 20.54 -3.35
CA LEU A 98 -0.44 20.76 -2.57
C LEU A 98 -1.66 20.45 -3.44
N LEU A 99 -2.45 19.48 -3.01
CA LEU A 99 -3.59 19.01 -3.79
C LEU A 99 -4.95 19.12 -3.10
N PHE A 100 -5.97 19.31 -3.91
CA PHE A 100 -7.35 19.40 -3.44
C PHE A 100 -8.18 18.72 -4.51
N ASP A 101 -9.24 18.05 -4.09
CA ASP A 101 -10.06 17.33 -5.03
C ASP A 101 -11.51 17.40 -4.55
N ILE A 102 -12.41 17.90 -5.39
CA ILE A 102 -13.80 17.99 -4.99
C ILE A 102 -14.31 16.58 -4.70
N ASP A 103 -14.87 16.39 -3.50
CA ASP A 103 -15.38 15.09 -3.11
C ASP A 103 -16.74 14.82 -3.76
N ALA A 104 -16.70 14.37 -5.01
CA ALA A 104 -17.90 14.10 -5.79
C ALA A 104 -18.79 12.99 -5.23
N ASP A 105 -18.20 12.06 -4.50
CA ASP A 105 -18.96 10.97 -3.91
C ASP A 105 -19.97 11.55 -2.93
N HIS A 106 -19.50 12.51 -2.14
CA HIS A 106 -20.31 13.15 -1.12
C HIS A 106 -21.25 14.19 -1.72
N LEU A 107 -20.73 14.89 -2.71
CA LEU A 107 -21.45 15.97 -3.36
C LEU A 107 -22.71 15.62 -4.15
N CYS A 108 -22.61 14.65 -5.07
CA CYS A 108 -23.72 14.34 -5.96
C CYS A 108 -24.71 13.21 -5.65
N LYS A 109 -24.21 12.05 -5.25
CA LYS A 109 -25.13 10.92 -5.04
C LYS A 109 -25.80 10.55 -6.36
N LEU A 110 -25.03 9.85 -7.22
CA LEU A 110 -25.48 9.45 -8.55
C LEU A 110 -26.18 8.09 -8.60
N ARG A 111 -26.96 7.86 -9.65
CA ARG A 111 -27.71 6.61 -9.82
C ARG A 111 -26.85 5.51 -10.45
N SER A 112 -26.83 4.34 -9.80
CA SER A 112 -26.08 3.19 -10.30
C SER A 112 -27.02 2.02 -10.58
N ILE A 113 -26.58 1.14 -11.48
CA ILE A 113 -27.38 -0.01 -11.87
C ILE A 113 -26.52 -1.26 -12.04
N ARG A 114 -27.09 -2.41 -11.70
CA ARG A 114 -26.38 -3.69 -11.83
C ARG A 114 -27.21 -4.63 -12.68
N PHE A 115 -26.63 -5.06 -13.79
CA PHE A 115 -27.34 -5.91 -14.72
C PHE A 115 -26.44 -7.03 -15.21
N CYS A 116 -26.98 -7.86 -16.10
CA CYS A 116 -26.21 -8.95 -16.70
C CYS A 116 -26.04 -8.65 -18.19
N PRO A 117 -24.81 -8.36 -18.61
CA PRO A 117 -24.50 -8.02 -20.00
C PRO A 117 -25.12 -8.99 -21.01
N VAL A 118 -25.39 -10.21 -20.56
CA VAL A 118 -25.97 -11.23 -21.43
C VAL A 118 -27.47 -11.02 -21.60
N CYS A 119 -28.24 -11.45 -20.60
CA CYS A 119 -29.68 -11.32 -20.64
C CYS A 119 -30.17 -9.88 -20.44
N GLY A 120 -29.23 -8.99 -20.10
CA GLY A 120 -29.55 -7.58 -19.91
C GLY A 120 -30.60 -7.32 -18.84
N ASN A 121 -30.59 -8.14 -17.78
CA ASN A 121 -31.54 -7.99 -16.69
C ASN A 121 -30.83 -7.47 -15.45
N ALA A 122 -31.62 -6.97 -14.49
CA ALA A 122 -31.05 -6.43 -13.27
C ALA A 122 -30.72 -7.50 -12.24
N VAL A 123 -29.47 -7.54 -11.81
CA VAL A 123 -29.04 -8.50 -10.82
C VAL A 123 -28.65 -7.70 -9.59
N VAL A 124 -28.79 -8.32 -8.42
CA VAL A 124 -28.39 -7.67 -7.17
C VAL A 124 -27.01 -8.20 -6.81
N SER A 125 -26.78 -9.47 -7.14
CA SER A 125 -25.50 -10.14 -6.89
C SER A 125 -24.49 -9.82 -7.98
N GLU A 126 -23.24 -10.21 -7.75
CA GLU A 126 -22.17 -9.92 -8.70
C GLU A 126 -22.07 -10.90 -9.85
N LYS A 127 -22.87 -11.97 -9.82
CA LYS A 127 -22.84 -12.96 -10.90
C LYS A 127 -24.25 -13.38 -11.30
N CYS A 128 -24.46 -13.59 -12.60
CA CYS A 128 -25.77 -14.00 -13.11
C CYS A 128 -25.90 -15.52 -13.18
N GLU A 129 -26.62 -16.09 -12.23
CA GLU A 129 -26.83 -17.54 -12.19
C GLU A 129 -27.27 -18.11 -13.53
N ARG A 130 -28.25 -17.46 -14.15
CA ARG A 130 -28.78 -17.94 -15.43
C ARG A 130 -27.71 -18.08 -16.50
N ASP A 131 -26.91 -17.04 -16.70
CA ASP A 131 -25.87 -17.09 -17.72
C ASP A 131 -24.49 -17.29 -17.15
N ASN A 132 -24.41 -17.49 -15.83
CA ASN A 132 -23.14 -17.69 -15.15
C ASN A 132 -22.07 -16.70 -15.60
N VAL A 133 -22.46 -15.43 -15.63
CA VAL A 133 -21.56 -14.36 -16.04
C VAL A 133 -21.52 -13.31 -14.93
N GLU A 134 -20.42 -12.57 -14.86
CA GLU A 134 -20.30 -11.51 -13.85
C GLU A 134 -21.14 -10.32 -14.29
N THR A 135 -21.90 -9.77 -13.35
CA THR A 135 -22.77 -8.63 -13.64
C THR A 135 -21.97 -7.34 -13.72
N LEU A 136 -22.54 -6.38 -14.44
CA LEU A 136 -21.89 -5.08 -14.62
C LEU A 136 -22.60 -4.01 -13.82
N GLU A 137 -21.99 -2.84 -13.71
CA GLU A 137 -22.58 -1.72 -13.00
C GLU A 137 -22.45 -0.42 -13.77
N TYR A 138 -23.55 0.32 -13.88
CA TYR A 138 -23.54 1.59 -14.57
C TYR A 138 -23.91 2.73 -13.64
N VAL A 139 -23.07 3.76 -13.63
CA VAL A 139 -23.32 4.93 -12.79
C VAL A 139 -23.56 6.15 -13.65
N GLU A 140 -24.80 6.64 -13.64
CA GLU A 140 -25.18 7.79 -14.45
C GLU A 140 -24.67 9.11 -13.89
N MET A 141 -23.70 9.68 -14.59
CA MET A 141 -23.13 10.95 -14.19
C MET A 141 -23.83 12.09 -14.93
N THR A 142 -24.46 12.98 -14.16
CA THR A 142 -25.25 14.10 -14.68
C THR A 142 -24.51 15.44 -14.67
N SER A 143 -25.04 16.39 -15.43
CA SER A 143 -24.46 17.72 -15.50
C SER A 143 -24.94 18.55 -14.32
N GLU A 144 -25.96 18.07 -13.64
CA GLU A 144 -26.45 18.75 -12.45
C GLU A 144 -25.34 18.61 -11.42
N CYS A 145 -24.78 17.42 -11.36
CA CYS A 145 -23.71 17.11 -10.44
C CYS A 145 -22.40 17.82 -10.79
N ILE A 146 -22.12 17.95 -12.08
CA ILE A 146 -20.90 18.62 -12.50
C ILE A 146 -20.97 20.10 -12.09
N LYS A 147 -22.19 20.65 -12.08
CA LYS A 147 -22.36 22.05 -11.69
C LYS A 147 -22.08 22.20 -10.19
N ARG A 148 -22.54 21.25 -9.41
CA ARG A 148 -22.31 21.25 -7.97
C ARG A 148 -20.81 21.30 -7.71
N GLY A 149 -20.05 20.52 -8.47
CA GLY A 149 -18.60 20.47 -8.29
C GLY A 149 -17.94 21.77 -8.73
N LEU A 150 -18.49 22.34 -9.79
CA LEU A 150 -17.95 23.58 -10.34
C LEU A 150 -18.16 24.70 -9.33
N GLU A 151 -19.16 24.57 -8.47
CA GLU A 151 -19.40 25.60 -7.47
C GLU A 151 -18.24 25.52 -6.50
N GLN A 152 -18.19 24.42 -5.76
CA GLN A 152 -17.12 24.17 -4.80
C GLN A 152 -15.74 24.51 -5.36
N THR A 153 -15.46 24.13 -6.61
CA THR A 153 -14.18 24.46 -7.20
C THR A 153 -14.02 25.98 -7.22
N ARG A 154 -15.11 26.70 -7.51
CA ARG A 154 -15.07 28.16 -7.53
C ARG A 154 -14.67 28.67 -6.15
N ASN A 155 -15.43 28.25 -5.15
CA ASN A 155 -15.16 28.65 -3.77
C ASN A 155 -13.76 28.26 -3.36
N LEU A 156 -13.32 27.10 -3.83
CA LEU A 156 -12.00 26.61 -3.47
C LEU A 156 -10.92 27.55 -4.00
N VAL A 157 -10.99 27.86 -5.28
CA VAL A 157 -10.03 28.76 -5.87
C VAL A 157 -10.00 30.09 -5.13
N GLU A 158 -11.17 30.53 -4.62
CA GLU A 158 -11.28 31.76 -3.86
C GLU A 158 -10.43 31.67 -2.60
N ILE A 159 -10.77 30.70 -1.75
CA ILE A 159 -10.03 30.49 -0.51
C ILE A 159 -8.55 30.37 -0.80
N LEU A 160 -8.23 29.71 -1.91
CA LEU A 160 -6.83 29.49 -2.27
C LEU A 160 -6.10 30.77 -2.66
N GLU A 161 -6.76 31.61 -3.44
CA GLU A 161 -6.15 32.84 -3.90
C GLU A 161 -6.32 33.96 -2.88
N ASP A 162 -7.54 34.11 -2.40
CA ASP A 162 -7.87 35.17 -1.45
C ASP A 162 -7.22 35.06 -0.07
N ASP A 163 -7.35 33.90 0.58
CA ASP A 163 -6.81 33.72 1.91
C ASP A 163 -5.34 33.34 1.96
N PHE A 164 -4.96 32.33 1.18
CA PHE A 164 -3.58 31.86 1.18
C PHE A 164 -2.70 32.55 0.16
N GLY A 165 -3.31 33.40 -0.67
CA GLY A 165 -2.59 34.14 -1.69
C GLY A 165 -1.81 33.23 -2.64
N LEU A 166 -2.33 32.02 -2.86
CA LEU A 166 -1.69 31.06 -3.76
C LEU A 166 -2.21 31.26 -5.18
N LYS A 167 -1.66 30.49 -6.13
CA LYS A 167 -2.07 30.57 -7.53
C LYS A 167 -2.49 29.20 -8.05
N PRO A 168 -3.71 28.79 -7.69
CA PRO A 168 -4.22 27.48 -8.05
C PRO A 168 -4.42 27.23 -9.56
N LYS A 169 -4.42 25.96 -9.93
CA LYS A 169 -4.66 25.53 -11.31
C LYS A 169 -5.76 24.47 -11.28
N VAL A 170 -6.87 24.76 -11.96
CA VAL A 170 -8.00 23.84 -11.97
C VAL A 170 -7.97 22.89 -13.15
N TYR A 171 -8.39 21.65 -12.90
CA TYR A 171 -8.42 20.63 -13.93
C TYR A 171 -9.65 19.77 -13.79
N PHE A 172 -10.23 19.42 -14.92
CA PHE A 172 -11.37 18.52 -14.91
C PHE A 172 -10.85 17.14 -14.46
N SER A 173 -11.49 16.53 -13.48
CA SER A 173 -11.05 15.21 -13.01
C SER A 173 -10.94 14.23 -14.19
N GLY A 174 -11.75 14.44 -15.21
CA GLY A 174 -11.77 13.58 -16.38
C GLY A 174 -13.02 12.71 -16.33
N ASN A 175 -13.68 12.68 -15.18
CA ASN A 175 -14.89 11.89 -15.04
C ASN A 175 -16.01 12.56 -14.23
N ARG A 176 -15.91 12.49 -12.90
CA ARG A 176 -16.95 12.98 -12.01
C ARG A 176 -16.79 14.38 -11.40
N GLY A 177 -15.59 14.96 -11.45
CA GLY A 177 -15.42 16.24 -10.79
C GLY A 177 -14.22 17.03 -11.23
N PHE A 178 -13.56 17.68 -10.27
CA PHE A 178 -12.40 18.53 -10.54
C PHE A 178 -11.29 18.29 -9.54
N HIS A 179 -10.10 18.75 -9.91
CA HIS A 179 -8.92 18.65 -9.07
C HIS A 179 -8.18 19.96 -9.17
N VAL A 180 -7.96 20.60 -8.02
CA VAL A 180 -7.22 21.86 -7.96
C VAL A 180 -5.84 21.59 -7.42
N GLN A 181 -4.83 22.20 -8.03
CA GLN A 181 -3.47 21.97 -7.61
C GLN A 181 -2.57 23.20 -7.63
N VAL A 182 -1.78 23.32 -6.57
CA VAL A 182 -0.83 24.42 -6.42
C VAL A 182 0.57 23.85 -6.56
N ASP A 183 1.29 24.30 -7.58
CA ASP A 183 2.64 23.82 -7.83
C ASP A 183 3.64 24.53 -6.94
N CYS A 184 3.41 24.47 -5.64
CA CYS A 184 4.28 25.11 -4.67
C CYS A 184 5.58 24.32 -4.47
N TYR A 185 6.70 25.01 -4.67
CA TYR A 185 8.02 24.39 -4.53
C TYR A 185 8.79 24.98 -3.35
N GLY A 186 8.32 26.13 -2.86
CA GLY A 186 8.97 26.79 -1.74
C GLY A 186 9.03 25.91 -0.49
N ASN A 187 9.08 26.54 0.68
CA ASN A 187 9.11 25.79 1.93
C ASN A 187 7.74 25.16 2.11
N CYS A 188 6.84 25.53 1.21
CA CYS A 188 5.48 25.00 1.20
C CYS A 188 5.51 23.51 0.92
N ALA A 189 6.22 23.14 -0.15
CA ALA A 189 6.32 21.75 -0.58
C ALA A 189 6.73 20.80 0.53
N LEU A 190 7.23 21.35 1.64
CA LEU A 190 7.67 20.53 2.75
C LEU A 190 6.67 20.41 3.90
N LEU A 191 5.49 21.00 3.72
CA LEU A 191 4.47 20.95 4.75
C LEU A 191 4.22 19.52 5.18
N ASP A 192 4.31 19.27 6.47
CA ASP A 192 4.07 17.92 6.98
C ASP A 192 2.59 17.57 6.77
N SER A 193 2.27 16.29 6.82
CA SER A 193 0.90 15.84 6.63
C SER A 193 -0.05 16.50 7.62
N ASP A 194 0.44 16.80 8.81
CA ASP A 194 -0.40 17.39 9.84
C ASP A 194 -0.71 18.86 9.55
N GLU A 195 0.29 19.57 9.05
CA GLU A 195 0.12 20.96 8.68
C GLU A 195 -0.85 20.99 7.50
N ARG A 196 -0.69 20.00 6.61
CA ARG A 196 -1.56 19.85 5.46
C ARG A 196 -2.98 19.64 5.96
N LYS A 197 -3.14 18.76 6.93
CA LYS A 197 -4.45 18.49 7.51
C LYS A 197 -5.06 19.78 8.08
N GLU A 198 -4.19 20.71 8.47
CA GLU A 198 -4.66 21.99 9.00
C GLU A 198 -5.36 22.71 7.86
N ILE A 199 -4.61 22.95 6.80
CA ILE A 199 -5.14 23.62 5.63
C ILE A 199 -6.44 22.95 5.14
N ALA A 200 -6.44 21.62 5.12
CA ALA A 200 -7.60 20.86 4.71
C ALA A 200 -8.83 21.24 5.52
N GLU A 201 -8.69 21.25 6.85
CA GLU A 201 -9.81 21.59 7.72
C GLU A 201 -10.21 23.06 7.57
N TYR A 202 -9.24 23.91 7.23
CA TYR A 202 -9.53 25.33 7.04
C TYR A 202 -10.42 25.47 5.84
N VAL A 203 -9.97 24.89 4.73
CA VAL A 203 -10.71 24.93 3.46
C VAL A 203 -12.04 24.21 3.57
N MET A 204 -12.14 23.27 4.50
CA MET A 204 -13.37 22.52 4.68
C MET A 204 -14.30 23.25 5.65
N GLY A 205 -13.79 24.34 6.22
CA GLY A 205 -14.57 25.12 7.18
C GLY A 205 -14.85 24.30 8.43
N ILE A 206 -13.84 23.55 8.88
CA ILE A 206 -13.98 22.69 10.04
C ILE A 206 -14.11 23.45 11.36
N GLY A 207 -12.99 23.94 11.87
CA GLY A 207 -12.99 24.68 13.12
C GLY A 207 -13.60 26.08 12.96
N VAL A 208 -13.72 26.52 11.71
CA VAL A 208 -14.27 27.83 11.40
C VAL A 208 -15.61 28.07 12.09
N PRO A 209 -15.70 29.22 12.74
CA PRO A 209 -16.92 29.65 13.40
C PRO A 209 -17.83 30.31 12.37
N GLY A 210 -19.04 30.66 12.77
CA GLY A 210 -19.92 31.42 11.89
C GLY A 210 -19.58 32.86 12.27
N TYR A 211 -19.92 33.82 11.44
CA TYR A 211 -19.63 35.20 11.81
C TYR A 211 -20.89 36.04 11.67
N PRO A 212 -21.82 35.82 12.58
CA PRO A 212 -23.13 36.45 12.57
C PRO A 212 -23.21 37.88 12.06
N GLY A 213 -22.41 38.78 12.64
CA GLY A 213 -22.43 40.17 12.20
C GLY A 213 -21.82 40.26 10.82
N GLY A 214 -20.49 40.20 10.80
CA GLY A 214 -19.65 40.24 9.61
C GLY A 214 -20.25 40.70 8.29
N SER A 215 -19.49 41.54 7.59
CA SER A 215 -19.94 42.02 6.30
C SER A 215 -19.53 41.02 5.25
N GLU A 216 -20.23 41.03 4.12
CA GLU A 216 -19.88 40.13 3.04
C GLU A 216 -18.48 40.53 2.59
N ASN A 217 -18.07 41.73 2.98
CA ASN A 217 -16.77 42.23 2.58
C ASN A 217 -15.65 42.01 3.58
N ALA A 218 -15.91 41.19 4.60
CA ALA A 218 -14.87 40.85 5.56
C ALA A 218 -13.80 40.11 4.77
N PRO A 219 -12.65 39.86 5.38
CA PRO A 219 -11.58 39.22 4.64
C PRO A 219 -11.14 37.86 5.14
N GLY A 220 -11.94 36.82 4.89
CA GLY A 220 -11.60 35.49 5.32
C GLY A 220 -12.93 34.84 5.59
N TRP A 221 -12.96 33.87 6.49
CA TRP A 221 -14.21 33.21 6.78
C TRP A 221 -15.26 34.20 7.27
N VAL A 222 -14.79 35.34 7.82
CA VAL A 222 -15.68 36.38 8.30
C VAL A 222 -16.65 36.84 7.21
N GLY A 223 -16.09 37.26 6.09
CA GLY A 223 -16.92 37.69 4.97
C GLY A 223 -17.59 36.46 4.37
N ARG A 224 -16.76 35.49 3.97
CA ARG A 224 -17.22 34.25 3.36
C ARG A 224 -18.44 33.62 4.01
N LYS A 225 -18.39 33.42 5.32
CA LYS A 225 -19.52 32.81 6.02
C LYS A 225 -20.78 33.64 5.72
N ASN A 226 -20.63 34.95 5.83
CA ASN A 226 -21.76 35.86 5.61
C ASN A 226 -22.14 35.97 4.14
N ARG A 227 -21.40 35.26 3.29
CA ARG A 227 -21.67 35.24 1.86
C ARG A 227 -22.39 33.95 1.44
N GLY A 228 -22.77 33.12 2.42
CA GLY A 228 -23.47 31.88 2.12
C GLY A 228 -22.57 30.64 2.16
N ILE A 229 -21.30 30.82 1.84
CA ILE A 229 -20.34 29.73 1.85
C ILE A 229 -20.00 29.25 3.26
N ASN A 230 -20.22 27.96 3.54
CA ASN A 230 -19.94 27.41 4.88
C ASN A 230 -18.89 26.33 4.94
N GLY A 231 -18.06 26.25 3.92
CA GLY A 231 -16.99 25.24 3.83
C GLY A 231 -16.99 24.53 2.48
N VAL A 232 -15.80 24.32 1.92
CA VAL A 232 -15.67 23.61 0.65
C VAL A 232 -15.77 22.10 0.87
N THR A 233 -16.42 21.39 -0.05
CA THR A 233 -16.56 19.94 0.07
C THR A 233 -15.46 19.23 -0.71
N ILE A 234 -14.38 18.93 -0.02
CA ILE A 234 -13.23 18.28 -0.60
C ILE A 234 -12.99 16.92 0.08
N ASP A 235 -12.08 16.13 -0.47
CA ASP A 235 -11.71 14.85 0.11
C ASP A 235 -10.39 15.20 0.78
N GLU A 236 -10.42 15.34 2.11
CA GLU A 236 -9.24 15.70 2.88
C GLU A 236 -8.09 14.75 2.60
N GLN A 237 -8.36 13.45 2.67
CA GLN A 237 -7.35 12.41 2.44
C GLN A 237 -6.39 12.73 1.30
N VAL A 238 -6.91 13.33 0.24
CA VAL A 238 -6.08 13.72 -0.89
C VAL A 238 -5.07 14.77 -0.50
N THR A 239 -5.53 15.70 0.33
CA THR A 239 -4.73 16.84 0.71
C THR A 239 -3.70 16.54 1.79
N ILE A 240 -4.15 15.78 2.78
CA ILE A 240 -3.34 15.39 3.93
C ILE A 240 -2.26 14.34 3.57
N ASP A 241 -2.49 13.63 2.46
CA ASP A 241 -1.60 12.59 1.95
C ASP A 241 -0.37 13.13 1.24
N VAL A 242 0.78 13.08 1.92
CA VAL A 242 2.00 13.57 1.33
C VAL A 242 2.44 12.78 0.10
N LYS A 243 2.12 11.49 0.08
CA LYS A 243 2.45 10.66 -1.07
C LYS A 243 1.11 10.37 -1.73
N ARG A 244 0.92 10.95 -2.92
CA ARG A 244 -0.31 10.78 -3.67
C ARG A 244 -0.05 10.79 -5.17
N LEU A 245 -0.93 10.12 -5.90
CA LEU A 245 -0.81 10.06 -7.36
C LEU A 245 -1.66 11.10 -8.08
N ILE A 246 -0.98 11.97 -8.83
CA ILE A 246 -1.63 13.01 -9.60
C ILE A 246 -1.92 12.50 -11.02
N ARG A 247 -3.18 12.15 -11.32
CA ARG A 247 -3.56 11.71 -12.67
C ARG A 247 -3.08 12.79 -13.65
N ILE A 248 -2.08 12.46 -14.46
CA ILE A 248 -1.45 13.39 -15.40
C ILE A 248 -2.38 14.18 -16.32
N PRO A 249 -2.32 15.50 -16.23
CA PRO A 249 -3.09 16.42 -17.09
C PRO A 249 -2.90 16.15 -18.58
N ASN A 250 -4.02 15.96 -19.27
CA ASN A 250 -4.05 15.65 -20.69
C ASN A 250 -4.13 14.15 -20.96
N SER A 251 -4.12 13.37 -19.89
CA SER A 251 -4.29 11.94 -20.01
C SER A 251 -5.79 11.70 -20.20
N LEU A 252 -6.14 10.48 -20.60
CA LEU A 252 -7.54 10.13 -20.82
C LEU A 252 -8.01 9.36 -19.58
N HIS A 253 -9.20 9.67 -19.11
CA HIS A 253 -9.71 9.00 -17.93
C HIS A 253 -10.37 7.68 -18.31
N GLY A 254 -9.73 6.58 -17.90
CA GLY A 254 -10.20 5.25 -18.21
C GLY A 254 -11.70 5.00 -18.04
N LYS A 255 -12.37 5.79 -17.18
CA LYS A 255 -13.81 5.58 -16.98
C LYS A 255 -14.70 6.49 -17.82
N SER A 256 -14.11 7.24 -18.73
CA SER A 256 -14.91 8.14 -19.54
C SER A 256 -14.29 8.34 -20.91
N GLY A 257 -12.97 8.20 -20.99
CA GLY A 257 -12.26 8.42 -22.23
C GLY A 257 -12.14 9.92 -22.45
N LEU A 258 -12.50 10.66 -21.41
CA LEU A 258 -12.46 12.12 -21.44
C LEU A 258 -11.10 12.64 -21.02
N ILE A 259 -10.63 13.69 -21.66
CA ILE A 259 -9.34 14.28 -21.33
C ILE A 259 -9.31 14.89 -19.92
N VAL A 260 -8.13 14.91 -19.32
CA VAL A 260 -7.98 15.53 -18.01
C VAL A 260 -7.57 16.97 -18.33
N LYS A 261 -8.52 17.69 -18.89
CA LYS A 261 -8.34 19.06 -19.34
C LYS A 261 -8.24 20.09 -18.22
N ARG A 262 -7.52 21.18 -18.51
CA ARG A 262 -7.35 22.25 -17.54
C ARG A 262 -8.34 23.37 -17.79
N VAL A 263 -9.14 23.69 -16.78
CA VAL A 263 -10.12 24.78 -16.87
C VAL A 263 -9.48 26.11 -16.46
N PRO A 264 -9.44 27.07 -17.37
CA PRO A 264 -8.85 28.37 -17.08
C PRO A 264 -9.94 29.36 -16.64
N ASN A 265 -11.15 29.15 -17.14
CA ASN A 265 -12.29 29.99 -16.79
C ASN A 265 -13.44 29.09 -16.38
N LEU A 266 -13.63 28.97 -15.06
CA LEU A 266 -14.67 28.11 -14.51
C LEU A 266 -16.05 28.39 -15.10
N ASP A 267 -16.24 29.61 -15.59
CA ASP A 267 -17.53 30.00 -16.14
C ASP A 267 -17.79 29.39 -17.51
N ASP A 268 -16.75 29.41 -18.35
CA ASP A 268 -16.86 28.86 -19.69
C ASP A 268 -17.04 27.34 -19.73
N PHE A 269 -16.47 26.64 -18.75
CA PHE A 269 -16.54 25.18 -18.72
C PHE A 269 -17.90 24.57 -19.02
N GLU A 270 -17.95 23.79 -20.09
CA GLU A 270 -19.16 23.09 -20.50
C GLU A 270 -18.88 21.59 -20.51
N PHE A 271 -19.86 20.82 -20.02
CA PHE A 271 -19.78 19.36 -19.97
C PHE A 271 -20.38 18.74 -21.23
N ASN A 272 -19.62 18.78 -22.31
CA ASN A 272 -20.04 18.25 -23.60
C ASN A 272 -19.26 17.01 -24.00
N GLU A 273 -19.44 16.60 -25.24
CA GLU A 273 -18.70 15.49 -25.83
C GLU A 273 -17.45 16.13 -26.39
N THR A 274 -17.28 17.41 -26.10
CA THR A 274 -16.13 18.17 -26.56
C THR A 274 -14.94 17.92 -25.66
N LEU A 275 -15.19 17.29 -24.54
CA LEU A 275 -14.14 16.94 -23.58
C LEU A 275 -13.45 15.64 -24.00
N SER A 276 -13.84 15.15 -25.18
CA SER A 276 -13.29 13.93 -25.75
C SER A 276 -12.52 14.31 -27.01
N PRO A 277 -11.29 13.83 -27.12
CA PRO A 277 -10.45 14.12 -28.28
C PRO A 277 -10.87 13.39 -29.57
N PHE A 278 -11.62 12.31 -29.40
CA PHE A 278 -12.04 11.47 -30.52
C PHE A 278 -13.00 12.10 -31.52
N THR A 279 -12.85 11.73 -32.79
CA THR A 279 -13.60 12.30 -33.89
C THR A 279 -14.75 11.45 -34.45
N GLY A 280 -14.43 10.70 -35.49
CA GLY A 280 -15.39 9.90 -36.26
C GLY A 280 -16.75 9.49 -35.68
N TYR A 281 -17.17 8.28 -36.02
CA TYR A 281 -18.43 7.73 -35.55
C TYR A 281 -18.17 6.30 -35.18
N THR A 282 -19.03 5.74 -34.34
CA THR A 282 -18.84 4.37 -33.90
C THR A 282 -20.16 3.64 -33.80
N ILE A 283 -20.14 2.36 -34.17
CA ILE A 283 -21.34 1.57 -34.06
C ILE A 283 -21.34 0.96 -32.68
N PHE A 284 -22.37 1.28 -31.92
CA PHE A 284 -22.44 0.86 -30.54
C PHE A 284 -23.53 -0.18 -30.36
N LEU A 285 -23.22 -1.21 -29.58
CA LEU A 285 -24.17 -2.27 -29.32
C LEU A 285 -24.49 -2.32 -27.83
N PRO A 286 -25.62 -1.73 -27.46
CA PRO A 286 -26.06 -1.65 -26.07
C PRO A 286 -26.29 -3.01 -25.44
N TYR A 287 -25.92 -3.14 -24.17
CA TYR A 287 -26.13 -4.38 -23.44
C TYR A 287 -27.55 -4.45 -22.93
N ILE A 288 -28.12 -3.27 -22.64
CA ILE A 288 -29.44 -3.14 -22.04
C ILE A 288 -30.25 -1.99 -22.66
N THR A 289 -31.57 -2.08 -22.57
CA THR A 289 -32.46 -0.98 -22.96
C THR A 289 -32.52 -0.02 -21.76
N ILE A 290 -32.06 1.22 -21.97
CA ILE A 290 -32.02 2.23 -20.92
C ILE A 290 -32.19 3.65 -21.48
N GLU A 291 -32.61 4.57 -20.61
CA GLU A 291 -32.74 5.97 -20.97
C GLU A 291 -31.99 6.79 -19.92
N THR A 292 -30.91 7.44 -20.33
CA THR A 292 -30.10 8.21 -19.38
C THR A 292 -29.38 9.40 -20.00
N GLU A 293 -28.94 10.30 -19.12
CA GLU A 293 -28.21 11.48 -19.53
C GLU A 293 -26.76 11.06 -19.75
N VAL A 294 -26.20 11.43 -20.89
CA VAL A 294 -24.84 11.07 -21.23
C VAL A 294 -24.11 12.29 -21.80
N LEU A 295 -23.14 12.81 -21.05
CA LEU A 295 -22.39 13.98 -21.49
C LEU A 295 -23.31 15.19 -21.69
N GLY A 296 -24.35 15.25 -20.86
CA GLY A 296 -25.30 16.36 -20.89
C GLY A 296 -26.29 16.25 -22.03
N SER A 297 -26.92 15.08 -22.14
CA SER A 297 -27.91 14.84 -23.18
C SER A 297 -28.51 13.46 -22.93
N ILE A 298 -29.82 13.34 -23.07
CA ILE A 298 -30.47 12.07 -22.85
C ILE A 298 -30.34 11.18 -24.08
N ILE A 299 -29.99 9.92 -23.85
CA ILE A 299 -29.83 8.95 -24.90
C ILE A 299 -30.70 7.75 -24.58
N LYS A 300 -31.46 7.30 -25.58
CA LYS A 300 -32.32 6.14 -25.39
C LYS A 300 -31.58 4.97 -26.02
N LEU A 301 -31.45 3.89 -25.24
CA LEU A 301 -30.73 2.71 -25.72
C LEU A 301 -31.63 1.49 -25.64
N ASN A 302 -31.55 0.65 -26.66
CA ASN A 302 -32.31 -0.58 -26.68
C ASN A 302 -31.35 -1.74 -26.81
N ARG A 303 -31.46 -2.69 -25.89
CA ARG A 303 -30.57 -3.84 -25.89
C ARG A 303 -30.61 -4.59 -27.20
N GLY A 304 -29.47 -4.68 -27.87
CA GLY A 304 -29.39 -5.41 -29.12
C GLY A 304 -29.34 -4.50 -30.32
N ILE A 305 -30.18 -3.46 -30.33
CA ILE A 305 -30.18 -2.56 -31.47
C ILE A 305 -28.95 -1.67 -31.63
N PRO A 306 -28.14 -1.97 -32.64
CA PRO A 306 -26.94 -1.20 -32.91
C PRO A 306 -27.33 0.26 -33.13
N ILE A 307 -26.36 1.14 -32.95
CA ILE A 307 -26.55 2.56 -33.10
C ILE A 307 -25.28 3.20 -33.67
N LYS A 308 -25.43 4.20 -34.51
CA LYS A 308 -24.26 4.89 -35.04
C LYS A 308 -24.15 6.27 -34.39
N ILE A 309 -23.33 6.35 -33.34
CA ILE A 309 -23.16 7.57 -32.58
C ILE A 309 -21.77 8.15 -32.78
N LYS A 310 -21.51 9.32 -32.20
CA LYS A 310 -20.19 9.92 -32.32
C LYS A 310 -19.24 9.09 -31.48
N SER A 311 -17.97 9.07 -31.88
CA SER A 311 -16.93 8.34 -31.17
C SER A 311 -16.95 8.69 -29.67
N SER A 312 -17.00 10.00 -29.40
CA SER A 312 -17.02 10.53 -28.05
C SER A 312 -17.98 9.79 -27.14
N ILE A 313 -19.25 9.80 -27.52
CA ILE A 313 -20.27 9.11 -26.72
C ILE A 313 -20.01 7.62 -26.75
N GLY A 314 -19.67 7.14 -27.94
CA GLY A 314 -19.37 5.72 -28.17
C GLY A 314 -18.42 5.17 -27.13
N ILE A 315 -17.17 5.67 -27.17
CA ILE A 315 -16.14 5.29 -26.21
C ILE A 315 -16.70 5.43 -24.79
N TYR A 316 -17.24 6.61 -24.50
CA TYR A 316 -17.84 6.91 -23.20
C TYR A 316 -18.77 5.81 -22.72
N LEU A 317 -19.89 5.64 -23.43
CA LEU A 317 -20.89 4.63 -23.08
C LEU A 317 -20.27 3.23 -22.90
N HIS A 318 -19.23 2.98 -23.68
CA HIS A 318 -18.57 1.69 -23.66
C HIS A 318 -17.80 1.47 -22.38
N LEU A 319 -16.99 2.45 -22.01
CA LEU A 319 -16.19 2.40 -20.79
C LEU A 319 -17.09 2.45 -19.57
N ARG A 320 -18.33 2.89 -19.76
CA ARG A 320 -19.28 2.98 -18.66
C ARG A 320 -20.13 1.72 -18.50
N ASN A 321 -19.83 0.71 -19.30
CA ASN A 321 -20.49 -0.60 -19.21
C ASN A 321 -21.91 -0.73 -19.73
N LEU A 322 -22.25 0.08 -20.74
CA LEU A 322 -23.60 0.03 -21.30
C LEU A 322 -23.67 -0.74 -22.61
N GLY A 323 -22.50 -1.11 -23.14
CA GLY A 323 -22.44 -1.84 -24.39
C GLY A 323 -21.01 -1.88 -24.91
N GLU A 324 -20.88 -2.18 -26.19
CA GLU A 324 -19.59 -2.30 -26.84
C GLU A 324 -19.50 -1.50 -28.11
N VAL A 325 -18.31 -0.98 -28.39
CA VAL A 325 -18.05 -0.25 -29.62
C VAL A 325 -17.64 -1.28 -30.68
N LYS A 326 -18.63 -1.80 -31.40
CA LYS A 326 -18.41 -2.81 -32.42
C LYS A 326 -17.59 -2.37 -33.64
N ALA A 327 -17.70 -1.11 -34.03
CA ALA A 327 -16.95 -0.63 -35.20
C ALA A 327 -16.75 0.86 -35.22
N TYR A 328 -15.83 1.31 -36.06
CA TYR A 328 -15.53 2.73 -36.16
C TYR A 328 -15.58 3.27 -37.58
N VAL A 329 -15.99 4.54 -37.71
CA VAL A 329 -16.13 5.21 -39.00
C VAL A 329 -15.56 6.63 -38.90
N THR B 11 4.00 -37.30 -44.01
CA THR B 11 3.92 -35.87 -43.71
C THR B 11 3.35 -35.63 -42.33
N ASN B 12 2.95 -34.39 -42.07
CA ASN B 12 2.43 -34.02 -40.75
C ASN B 12 0.91 -34.12 -40.68
N LEU B 13 0.42 -35.34 -40.51
CA LEU B 13 -1.01 -35.57 -40.34
C LEU B 13 -1.51 -35.04 -39.00
N ILE B 14 -0.71 -35.27 -37.95
CA ILE B 14 -1.04 -34.76 -36.63
C ILE B 14 -1.20 -33.24 -36.64
N LYS B 15 -0.17 -32.55 -37.12
CA LYS B 15 -0.19 -31.10 -37.20
C LYS B 15 -1.51 -30.61 -37.80
N SER B 16 -1.94 -31.24 -38.89
CA SER B 16 -3.17 -30.87 -39.57
C SER B 16 -4.31 -30.89 -38.55
N PHE B 17 -4.42 -31.99 -37.84
CA PHE B 17 -5.46 -32.13 -36.82
C PHE B 17 -5.39 -31.00 -35.82
N PHE B 18 -4.18 -30.69 -35.39
CA PHE B 18 -3.92 -29.64 -34.43
C PHE B 18 -4.31 -28.26 -34.95
N ARG B 19 -3.66 -27.81 -36.02
CA ARG B 19 -3.97 -26.52 -36.59
C ARG B 19 -5.45 -26.37 -36.86
N ASN B 20 -6.11 -27.45 -37.24
CA ASN B 20 -7.53 -27.38 -37.49
C ASN B 20 -8.23 -27.02 -36.19
N TYR B 21 -7.77 -27.64 -35.11
CA TYR B 21 -8.36 -27.41 -33.79
C TYR B 21 -8.17 -25.97 -33.30
N TYR B 22 -6.92 -25.57 -33.19
CA TYR B 22 -6.59 -24.24 -32.73
C TYR B 22 -7.24 -23.18 -33.58
N LEU B 23 -7.63 -23.56 -34.78
CA LEU B 23 -8.28 -22.65 -35.72
C LEU B 23 -9.73 -22.35 -35.36
N ASN B 24 -10.37 -23.24 -34.60
CA ASN B 24 -11.76 -23.05 -34.19
C ASN B 24 -11.97 -23.27 -32.71
N ALA B 25 -10.92 -23.07 -31.93
CA ALA B 25 -10.98 -23.30 -30.49
C ALA B 25 -11.02 -22.02 -29.70
N GLU B 26 -11.78 -22.02 -28.62
CA GLU B 26 -11.87 -20.85 -27.74
C GLU B 26 -11.05 -21.11 -26.47
N LEU B 27 -9.84 -20.55 -26.44
CA LEU B 27 -8.95 -20.74 -25.32
C LEU B 27 -9.30 -19.89 -24.11
N GLU B 28 -9.43 -20.55 -22.95
CA GLU B 28 -9.72 -19.86 -21.70
C GLU B 28 -8.52 -19.00 -21.30
N LEU B 29 -8.48 -17.78 -21.82
CA LEU B 29 -7.38 -16.86 -21.51
C LEU B 29 -7.74 -15.95 -20.35
N PRO B 30 -6.72 -15.46 -19.64
CA PRO B 30 -6.92 -14.54 -18.53
C PRO B 30 -7.17 -13.15 -19.11
N LYS B 31 -7.70 -12.25 -18.29
CA LYS B 31 -7.98 -10.90 -18.77
C LYS B 31 -6.72 -10.06 -18.82
N ASP B 32 -5.76 -10.41 -17.97
CA ASP B 32 -4.48 -9.69 -17.90
C ASP B 32 -3.43 -10.33 -18.78
N MET B 33 -3.89 -11.09 -19.77
CA MET B 33 -3.00 -11.81 -20.67
C MET B 33 -1.89 -10.92 -21.20
N GLU B 34 -2.10 -9.62 -21.13
CA GLU B 34 -1.11 -8.68 -21.59
C GLU B 34 0.08 -8.62 -20.63
N LEU B 35 -0.11 -9.09 -19.40
CA LEU B 35 0.94 -9.06 -18.40
C LEU B 35 1.58 -10.41 -18.16
N ARG B 36 1.14 -11.42 -18.90
CA ARG B 36 1.64 -12.76 -18.73
C ARG B 36 2.55 -13.15 -19.88
N GLU B 37 3.55 -13.99 -19.59
CA GLU B 37 4.46 -14.49 -20.60
C GLU B 37 3.94 -15.81 -21.16
N PHE B 38 3.95 -15.91 -22.48
CA PHE B 38 3.51 -17.11 -23.15
C PHE B 38 4.72 -17.91 -23.58
N ALA B 39 4.54 -19.22 -23.72
CA ALA B 39 5.64 -20.10 -24.11
C ALA B 39 5.04 -21.39 -24.63
N LEU B 40 5.62 -21.91 -25.71
CA LEU B 40 5.14 -23.16 -26.27
C LEU B 40 6.25 -24.09 -26.71
N GLN B 41 5.89 -25.34 -26.99
CA GLN B 41 6.81 -26.31 -27.53
C GLN B 41 6.33 -26.68 -28.93
N PRO B 42 7.15 -26.39 -29.93
CA PRO B 42 6.79 -26.67 -31.31
C PRO B 42 7.06 -28.12 -31.68
N PHE B 43 6.41 -28.59 -32.74
CA PHE B 43 6.65 -29.94 -33.22
C PHE B 43 8.09 -29.97 -33.76
N GLY B 44 8.82 -31.06 -33.52
CA GLY B 44 10.17 -31.19 -34.05
C GLY B 44 11.27 -30.44 -33.29
N SER B 45 10.98 -30.01 -32.07
CA SER B 45 11.97 -29.31 -31.27
C SER B 45 11.74 -29.56 -29.78
N ASP B 46 12.81 -29.61 -29.02
CA ASP B 46 12.75 -29.82 -27.59
C ASP B 46 12.84 -28.44 -26.93
N THR B 47 13.46 -27.50 -27.64
CA THR B 47 13.61 -26.13 -27.14
C THR B 47 12.30 -25.34 -27.26
N TYR B 48 11.83 -24.85 -26.12
CA TYR B 48 10.61 -24.07 -26.04
C TYR B 48 10.82 -22.72 -26.70
N VAL B 49 9.72 -22.02 -26.94
CA VAL B 49 9.75 -20.67 -27.47
C VAL B 49 9.14 -19.82 -26.36
N ARG B 50 9.96 -19.02 -25.69
CA ARG B 50 9.48 -18.23 -24.56
C ARG B 50 9.53 -16.74 -24.83
N HIS B 51 9.12 -15.97 -23.83
CA HIS B 51 9.11 -14.52 -23.90
C HIS B 51 8.09 -14.02 -24.92
N LEU B 52 7.02 -14.78 -25.09
CA LEU B 52 5.98 -14.39 -26.02
C LEU B 52 4.91 -13.62 -25.28
N SER B 53 4.44 -12.54 -25.86
CA SER B 53 3.35 -11.76 -25.26
C SER B 53 2.27 -11.46 -26.29
N PHE B 54 1.02 -11.59 -25.86
CA PHE B 54 -0.13 -11.36 -26.72
C PHE B 54 -1.19 -10.61 -25.93
N SER B 55 -1.88 -9.68 -26.58
CA SER B 55 -2.89 -8.87 -25.92
C SER B 55 -4.32 -9.25 -26.30
N SER B 56 -4.46 -10.16 -27.26
CA SER B 56 -5.76 -10.59 -27.73
C SER B 56 -5.73 -12.08 -28.07
N SER B 57 -6.85 -12.76 -27.82
CA SER B 57 -6.93 -14.18 -28.15
C SER B 57 -6.62 -14.34 -29.65
N GLU B 58 -7.15 -13.41 -30.44
CA GLU B 58 -6.92 -13.41 -31.88
C GLU B 58 -5.44 -13.24 -32.20
N GLU B 59 -4.78 -12.31 -31.51
CA GLU B 59 -3.36 -12.08 -31.73
C GLU B 59 -2.65 -13.41 -31.58
N LEU B 60 -3.07 -14.16 -30.57
CA LEU B 60 -2.51 -15.46 -30.24
C LEU B 60 -2.77 -16.48 -31.35
N ARG B 61 -4.04 -16.71 -31.64
CA ARG B 61 -4.46 -17.64 -32.69
C ARG B 61 -3.61 -17.48 -33.93
N ASP B 62 -3.71 -16.32 -34.56
CA ASP B 62 -2.94 -15.99 -35.75
C ASP B 62 -1.45 -16.26 -35.60
N TYR B 63 -1.04 -16.63 -34.40
CA TYR B 63 0.37 -16.94 -34.20
C TYR B 63 0.52 -18.46 -34.25
N LEU B 64 -0.22 -19.12 -33.38
CA LEU B 64 -0.15 -20.58 -33.28
C LEU B 64 -0.40 -21.21 -34.64
N VAL B 65 -1.47 -20.79 -35.29
CA VAL B 65 -1.88 -21.32 -36.58
C VAL B 65 -1.00 -20.89 -37.73
N ASN B 66 -0.63 -19.59 -37.78
CA ASN B 66 0.19 -19.04 -38.87
C ASN B 66 1.70 -19.10 -38.74
N ARG B 67 2.22 -18.67 -37.60
CA ARG B 67 3.68 -18.65 -37.38
C ARG B 67 4.27 -19.91 -36.74
N ASN B 68 3.71 -20.36 -35.61
CA ASN B 68 4.24 -21.53 -34.88
C ASN B 68 3.24 -22.36 -34.13
N LEU B 69 2.82 -23.45 -34.75
CA LEU B 69 1.89 -24.42 -34.12
C LEU B 69 2.45 -25.07 -32.85
N PRO B 70 1.61 -25.12 -31.81
CA PRO B 70 2.03 -25.64 -30.51
C PRO B 70 1.70 -27.08 -30.23
N LEU B 71 2.75 -27.82 -29.92
CA LEU B 71 2.58 -29.22 -29.54
C LEU B 71 2.13 -29.15 -28.09
N HIS B 72 2.82 -28.27 -27.36
CA HIS B 72 2.51 -27.93 -25.98
C HIS B 72 2.43 -26.40 -25.84
N LEU B 73 1.39 -25.92 -25.17
CA LEU B 73 1.20 -24.47 -24.99
C LEU B 73 0.70 -24.03 -23.61
N PHE B 74 1.37 -23.03 -23.04
CA PHE B 74 0.97 -22.46 -21.75
C PHE B 74 1.33 -20.99 -21.60
N TYR B 75 0.89 -20.40 -20.49
CA TYR B 75 1.20 -19.00 -20.14
C TYR B 75 1.61 -18.95 -18.68
N SER B 76 2.49 -18.01 -18.33
CA SER B 76 2.95 -17.87 -16.96
C SER B 76 1.80 -17.69 -15.97
N SER B 77 2.05 -18.07 -14.72
CA SER B 77 1.06 -17.92 -13.65
C SER B 77 1.34 -16.56 -13.02
N ALA B 78 2.52 -16.05 -13.29
CA ALA B 78 2.95 -14.76 -12.79
C ALA B 78 2.64 -13.71 -13.84
N ARG B 79 2.52 -12.45 -13.39
CA ARG B 79 2.28 -11.34 -14.31
C ARG B 79 3.44 -10.38 -14.18
N TYR B 80 3.86 -9.81 -15.30
CA TYR B 80 4.99 -8.88 -15.31
C TYR B 80 4.63 -7.60 -16.03
N GLN B 81 5.41 -6.56 -15.79
CA GLN B 81 5.22 -5.28 -16.45
C GLN B 81 5.72 -5.46 -17.88
N LEU B 82 6.66 -6.38 -18.05
CA LEU B 82 7.21 -6.68 -19.37
C LEU B 82 7.45 -8.19 -19.50
N PRO B 83 6.41 -8.94 -19.87
CA PRO B 83 6.52 -10.39 -19.98
C PRO B 83 7.60 -10.84 -20.96
N SER B 84 7.89 -10.00 -21.95
CA SER B 84 8.89 -10.33 -22.96
C SER B 84 10.33 -9.97 -22.58
N ALA B 85 10.50 -9.28 -21.45
CA ALA B 85 11.84 -8.94 -20.98
C ALA B 85 12.64 -10.22 -20.86
N ARG B 86 13.96 -10.12 -20.99
CA ARG B 86 14.79 -11.32 -20.92
C ARG B 86 15.24 -11.68 -19.50
N ASN B 87 15.66 -10.68 -18.73
CA ASN B 87 16.09 -10.91 -17.35
C ASN B 87 14.89 -10.77 -16.42
N MET B 88 15.02 -11.25 -15.19
CA MET B 88 13.91 -11.19 -14.25
C MET B 88 13.71 -9.84 -13.57
N GLU B 89 14.75 -9.01 -13.57
CA GLU B 89 14.65 -7.69 -12.96
C GLU B 89 13.89 -6.76 -13.88
N GLU B 90 13.99 -7.01 -15.18
CA GLU B 90 13.31 -6.21 -16.18
C GLU B 90 11.85 -6.60 -16.24
N LYS B 91 11.59 -7.91 -16.19
CA LYS B 91 10.24 -8.44 -16.25
C LYS B 91 9.32 -7.71 -15.28
N ALA B 92 9.81 -7.50 -14.06
CA ALA B 92 9.05 -6.80 -13.03
C ALA B 92 7.83 -7.60 -12.55
N TRP B 93 8.09 -8.69 -11.85
CA TRP B 93 7.03 -9.54 -11.31
C TRP B 93 6.03 -8.67 -10.55
N MET B 94 4.74 -8.96 -10.72
CA MET B 94 3.69 -8.18 -10.06
C MET B 94 2.80 -9.11 -9.28
N GLY B 95 3.27 -10.32 -9.01
CA GLY B 95 2.46 -11.31 -8.30
C GLY B 95 1.99 -12.39 -9.27
N SER B 96 1.55 -13.52 -8.71
CA SER B 96 1.08 -14.63 -9.53
C SER B 96 0.05 -15.51 -8.83
N ASP B 97 -0.79 -16.15 -9.64
CA ASP B 97 -1.83 -17.06 -9.14
C ASP B 97 -1.26 -18.13 -8.23
N LEU B 98 -2.14 -18.94 -7.65
CA LEU B 98 -1.72 -20.02 -6.77
C LEU B 98 -2.10 -21.37 -7.40
N LEU B 99 -1.10 -22.22 -7.65
CA LEU B 99 -1.28 -23.50 -8.37
C LEU B 99 -1.04 -24.79 -7.58
N PHE B 100 -1.86 -25.79 -7.87
CA PHE B 100 -1.74 -27.12 -7.28
C PHE B 100 -1.84 -28.19 -8.36
N ASP B 101 -1.05 -29.27 -8.20
CA ASP B 101 -1.03 -30.35 -9.19
C ASP B 101 -0.87 -31.74 -8.54
N ILE B 102 -1.89 -32.58 -8.72
CA ILE B 102 -1.87 -33.94 -8.19
C ILE B 102 -0.70 -34.76 -8.74
N ASP B 103 0.13 -35.30 -7.85
CA ASP B 103 1.29 -36.10 -8.23
C ASP B 103 0.91 -37.53 -8.65
N ALA B 104 0.73 -37.74 -9.95
CA ALA B 104 0.41 -39.08 -10.45
C ALA B 104 1.65 -39.98 -10.46
N ASP B 105 2.83 -39.36 -10.49
CA ASP B 105 4.09 -40.08 -10.48
C ASP B 105 4.32 -40.76 -9.14
N HIS B 106 3.48 -40.44 -8.16
CA HIS B 106 3.56 -41.04 -6.84
C HIS B 106 2.17 -41.49 -6.42
N LEU B 107 1.27 -41.60 -7.38
CA LEU B 107 -0.11 -41.95 -7.06
C LEU B 107 -0.62 -43.27 -7.64
N CYS B 108 -0.35 -43.52 -8.92
CA CYS B 108 -0.88 -44.72 -9.58
C CYS B 108 0.07 -45.86 -9.94
N LYS B 109 1.36 -45.56 -10.09
CA LYS B 109 2.32 -46.61 -10.47
C LYS B 109 1.90 -47.23 -11.80
N LEU B 110 2.01 -46.45 -12.87
CA LEU B 110 1.60 -46.90 -14.20
C LEU B 110 2.57 -47.87 -14.86
N ARG B 111 2.07 -48.64 -15.82
CA ARG B 111 2.89 -49.60 -16.55
C ARG B 111 3.61 -48.95 -17.72
N SER B 112 4.93 -49.08 -17.74
CA SER B 112 5.71 -48.51 -18.82
C SER B 112 6.42 -49.61 -19.59
N ILE B 113 6.95 -49.26 -20.76
CA ILE B 113 7.70 -50.19 -21.60
C ILE B 113 8.56 -49.42 -22.58
N ARG B 114 9.87 -49.57 -22.46
CA ARG B 114 10.77 -48.89 -23.40
C ARG B 114 11.21 -49.89 -24.45
N PHE B 115 11.12 -49.47 -25.71
CA PHE B 115 11.44 -50.35 -26.82
C PHE B 115 12.08 -49.58 -27.97
N CYS B 116 12.13 -50.22 -29.13
CA CYS B 116 12.68 -49.62 -30.34
C CYS B 116 11.63 -49.67 -31.46
N PRO B 117 11.19 -48.50 -31.89
CA PRO B 117 10.15 -48.36 -32.90
C PRO B 117 10.44 -49.08 -34.21
N VAL B 118 11.73 -49.28 -34.50
CA VAL B 118 12.11 -49.96 -35.74
C VAL B 118 11.80 -51.45 -35.72
N CYS B 119 12.57 -52.20 -34.93
CA CYS B 119 12.42 -53.65 -34.83
C CYS B 119 11.39 -54.09 -33.79
N GLY B 120 10.88 -53.13 -33.01
CA GLY B 120 9.86 -53.41 -32.01
C GLY B 120 10.38 -54.23 -30.83
N ASN B 121 11.70 -54.31 -30.70
CA ASN B 121 12.32 -55.07 -29.62
C ASN B 121 12.37 -54.24 -28.35
N ALA B 122 11.99 -54.84 -27.23
CA ALA B 122 12.04 -54.15 -25.94
C ALA B 122 13.51 -53.95 -25.59
N VAL B 123 13.89 -52.69 -25.41
CA VAL B 123 15.28 -52.36 -25.14
C VAL B 123 15.39 -51.57 -23.83
N VAL B 124 16.54 -51.73 -23.17
CA VAL B 124 16.80 -51.03 -21.92
C VAL B 124 17.53 -49.72 -22.18
N SER B 125 18.41 -49.74 -23.18
CA SER B 125 19.19 -48.56 -23.57
C SER B 125 18.32 -47.43 -24.11
N GLU B 126 18.98 -46.33 -24.48
CA GLU B 126 18.31 -45.18 -25.04
C GLU B 126 18.50 -45.20 -26.56
N LYS B 127 19.29 -46.16 -27.03
CA LYS B 127 19.54 -46.30 -28.45
C LYS B 127 19.61 -47.78 -28.87
N CYS B 128 19.02 -48.07 -30.02
CA CYS B 128 19.01 -49.41 -30.56
C CYS B 128 20.26 -49.65 -31.41
N GLU B 129 21.02 -50.69 -31.08
CA GLU B 129 22.25 -51.02 -31.80
C GLU B 129 21.96 -51.29 -33.27
N ARG B 130 21.35 -52.44 -33.51
CA ARG B 130 21.02 -52.90 -34.86
C ARG B 130 20.45 -51.80 -35.75
N ASP B 131 19.35 -51.19 -35.32
CA ASP B 131 18.67 -50.17 -36.10
C ASP B 131 19.22 -48.75 -35.97
N ASN B 132 20.19 -48.55 -35.09
CA ASN B 132 20.79 -47.23 -34.88
C ASN B 132 19.77 -46.10 -34.81
N VAL B 133 18.98 -46.10 -33.74
CA VAL B 133 17.95 -45.09 -33.53
C VAL B 133 17.76 -44.95 -32.03
N GLU B 134 16.96 -43.99 -31.62
CA GLU B 134 16.70 -43.81 -30.20
C GLU B 134 15.46 -44.61 -29.83
N THR B 135 15.41 -45.06 -28.59
CA THR B 135 14.29 -45.85 -28.12
C THR B 135 13.24 -44.99 -27.44
N LEU B 136 11.98 -45.33 -27.67
CA LEU B 136 10.85 -44.60 -27.11
C LEU B 136 10.23 -45.44 -26.01
N GLU B 137 9.51 -44.79 -25.09
CA GLU B 137 8.84 -45.50 -24.01
C GLU B 137 7.34 -45.20 -24.01
N TYR B 138 6.53 -46.21 -23.73
CA TYR B 138 5.09 -46.03 -23.68
C TYR B 138 4.66 -46.16 -22.23
N VAL B 139 3.75 -45.28 -21.81
CA VAL B 139 3.23 -45.32 -20.44
C VAL B 139 1.72 -45.46 -20.40
N GLU B 140 1.27 -46.64 -19.97
CA GLU B 140 -0.15 -46.97 -19.92
C GLU B 140 -0.87 -46.18 -18.84
N MET B 141 -1.80 -45.35 -19.25
CA MET B 141 -2.60 -44.54 -18.32
C MET B 141 -3.94 -45.23 -18.07
N THR B 142 -4.10 -45.76 -16.86
CA THR B 142 -5.31 -46.47 -16.47
C THR B 142 -6.42 -45.52 -16.01
N SER B 143 -7.65 -46.01 -16.06
CA SER B 143 -8.80 -45.22 -15.63
C SER B 143 -8.88 -45.18 -14.12
N GLU B 144 -8.27 -46.16 -13.47
CA GLU B 144 -8.27 -46.19 -12.01
C GLU B 144 -7.36 -45.08 -11.53
N CYS B 145 -6.23 -44.93 -12.21
CA CYS B 145 -5.27 -43.89 -11.85
C CYS B 145 -5.94 -42.53 -11.93
N ILE B 146 -7.00 -42.44 -12.73
CA ILE B 146 -7.75 -41.20 -12.87
C ILE B 146 -8.76 -41.07 -11.73
N LYS B 147 -9.24 -42.20 -11.23
CA LYS B 147 -10.17 -42.21 -10.10
C LYS B 147 -9.37 -41.87 -8.85
N ARG B 148 -8.16 -42.43 -8.80
CA ARG B 148 -7.25 -42.20 -7.68
C ARG B 148 -6.90 -40.73 -7.56
N GLY B 149 -6.85 -40.02 -8.68
CA GLY B 149 -6.50 -38.61 -8.69
C GLY B 149 -7.71 -37.73 -8.43
N LEU B 150 -8.86 -38.18 -8.92
CA LEU B 150 -10.11 -37.46 -8.73
C LEU B 150 -10.45 -37.41 -7.24
N GLU B 151 -9.98 -38.39 -6.46
CA GLU B 151 -10.22 -38.39 -5.02
C GLU B 151 -9.45 -37.22 -4.43
N GLN B 152 -8.11 -37.28 -4.56
CA GLN B 152 -7.24 -36.22 -4.06
C GLN B 152 -7.76 -34.82 -4.41
N THR B 153 -8.11 -34.62 -5.67
CA THR B 153 -8.63 -33.32 -6.11
C THR B 153 -9.81 -32.90 -5.24
N ARG B 154 -10.67 -33.86 -4.91
CA ARG B 154 -11.82 -33.57 -4.07
C ARG B 154 -11.37 -33.04 -2.71
N ASN B 155 -10.47 -33.77 -2.09
CA ASN B 155 -9.93 -33.38 -0.79
C ASN B 155 -9.23 -32.03 -0.88
N LEU B 156 -8.35 -31.88 -1.86
CA LEU B 156 -7.62 -30.63 -2.03
C LEU B 156 -8.56 -29.46 -2.22
N VAL B 157 -9.63 -29.66 -2.97
CA VAL B 157 -10.60 -28.62 -3.20
C VAL B 157 -11.32 -28.29 -1.90
N GLU B 158 -11.68 -29.33 -1.16
CA GLU B 158 -12.36 -29.15 0.12
C GLU B 158 -11.53 -28.20 0.98
N ILE B 159 -10.29 -28.59 1.24
CA ILE B 159 -9.38 -27.78 2.03
C ILE B 159 -9.38 -26.33 1.53
N LEU B 160 -8.94 -26.15 0.30
CA LEU B 160 -8.86 -24.82 -0.29
C LEU B 160 -10.11 -23.99 -0.11
N GLU B 161 -11.27 -24.64 -0.03
CA GLU B 161 -12.53 -23.93 0.10
C GLU B 161 -12.98 -23.76 1.55
N ASP B 162 -12.71 -24.76 2.37
CA ASP B 162 -13.13 -24.75 3.76
C ASP B 162 -12.14 -24.08 4.69
N ASP B 163 -10.88 -24.49 4.59
CA ASP B 163 -9.83 -23.92 5.44
C ASP B 163 -9.41 -22.53 5.02
N PHE B 164 -8.99 -22.39 3.77
CA PHE B 164 -8.56 -21.09 3.26
C PHE B 164 -9.77 -20.33 2.72
N GLY B 165 -10.90 -21.03 2.65
CA GLY B 165 -12.14 -20.44 2.15
C GLY B 165 -11.91 -19.73 0.83
N LEU B 166 -11.26 -20.41 -0.11
CA LEU B 166 -10.98 -19.86 -1.43
C LEU B 166 -11.94 -20.45 -2.46
N LYS B 167 -11.82 -20.00 -3.70
CA LYS B 167 -12.66 -20.48 -4.79
C LYS B 167 -11.80 -21.05 -5.92
N PRO B 168 -11.30 -22.28 -5.72
CA PRO B 168 -10.42 -22.91 -6.69
C PRO B 168 -11.15 -23.42 -7.93
N LYS B 169 -10.46 -23.40 -9.06
CA LYS B 169 -11.01 -23.90 -10.32
C LYS B 169 -10.25 -25.17 -10.68
N VAL B 170 -10.98 -26.26 -10.92
CA VAL B 170 -10.33 -27.52 -11.28
C VAL B 170 -10.24 -27.74 -12.79
N TYR B 171 -9.15 -28.37 -13.22
CA TYR B 171 -8.92 -28.64 -14.63
C TYR B 171 -8.27 -29.99 -14.85
N PHE B 172 -8.73 -30.71 -15.87
CA PHE B 172 -8.12 -31.97 -16.24
C PHE B 172 -6.76 -31.64 -16.86
N SER B 173 -5.70 -32.23 -16.31
CA SER B 173 -4.33 -31.99 -16.75
C SER B 173 -4.24 -32.07 -18.27
N GLY B 174 -5.10 -32.90 -18.85
CA GLY B 174 -5.11 -33.15 -20.29
C GLY B 174 -4.28 -34.43 -20.56
N ASN B 175 -3.89 -35.13 -19.50
CA ASN B 175 -3.10 -36.34 -19.65
C ASN B 175 -3.18 -37.22 -18.42
N ARG B 176 -2.12 -37.21 -17.62
CA ARG B 176 -2.04 -38.06 -16.43
C ARG B 176 -2.96 -37.75 -15.25
N GLY B 177 -3.15 -36.48 -14.92
CA GLY B 177 -3.98 -36.16 -13.77
C GLY B 177 -4.79 -34.87 -13.87
N PHE B 178 -4.78 -34.12 -12.76
CA PHE B 178 -5.53 -32.87 -12.66
C PHE B 178 -4.70 -31.73 -12.15
N HIS B 179 -5.21 -30.52 -12.31
N HIS B 179 -5.19 -30.51 -12.31
CA HIS B 179 -4.53 -29.32 -11.84
CA HIS B 179 -4.52 -29.31 -11.84
C HIS B 179 -5.55 -28.37 -11.25
C HIS B 179 -5.53 -28.32 -11.27
N VAL B 180 -5.34 -27.97 -10.00
CA VAL B 180 -6.22 -27.05 -9.33
C VAL B 180 -5.57 -25.68 -9.25
N GLN B 181 -6.29 -24.68 -9.73
CA GLN B 181 -5.76 -23.32 -9.72
C GLN B 181 -6.68 -22.34 -9.02
N VAL B 182 -6.09 -21.46 -8.21
CA VAL B 182 -6.83 -20.45 -7.50
C VAL B 182 -6.57 -19.11 -8.16
N ASP B 183 -7.52 -18.68 -8.98
CA ASP B 183 -7.38 -17.41 -9.68
C ASP B 183 -7.45 -16.32 -8.62
N CYS B 184 -6.30 -15.93 -8.09
CA CYS B 184 -6.29 -14.91 -7.06
C CYS B 184 -5.65 -13.61 -7.54
N TYR B 185 -6.50 -12.61 -7.73
CA TYR B 185 -6.08 -11.31 -8.23
C TYR B 185 -5.69 -10.32 -7.14
N GLY B 186 -5.79 -10.74 -5.88
CA GLY B 186 -5.49 -9.83 -4.76
C GLY B 186 -4.13 -9.94 -4.09
N ASN B 187 -4.15 -10.03 -2.76
CA ASN B 187 -2.95 -10.10 -1.93
C ASN B 187 -2.31 -11.49 -1.96
N CYS B 188 -3.14 -12.49 -2.28
CA CYS B 188 -2.65 -13.86 -2.38
C CYS B 188 -1.54 -13.89 -3.43
N ALA B 189 -1.73 -13.15 -4.52
CA ALA B 189 -0.78 -13.09 -5.63
C ALA B 189 0.61 -12.62 -5.24
N LEU B 190 0.75 -12.07 -4.04
CA LEU B 190 2.04 -11.56 -3.60
C LEU B 190 2.71 -12.45 -2.57
N LEU B 191 2.26 -13.69 -2.51
CA LEU B 191 2.80 -14.64 -1.56
C LEU B 191 4.24 -15.01 -1.87
N ASP B 192 5.05 -15.00 -0.82
CA ASP B 192 6.45 -15.40 -0.90
C ASP B 192 6.41 -16.82 -1.43
N SER B 193 7.54 -17.32 -1.90
CA SER B 193 7.58 -18.72 -2.30
C SER B 193 7.52 -19.50 -0.98
N ASP B 194 8.20 -18.95 0.02
CA ASP B 194 8.24 -19.54 1.36
C ASP B 194 6.85 -19.61 1.95
N GLU B 195 6.06 -18.57 1.72
CA GLU B 195 4.69 -18.52 2.21
C GLU B 195 3.88 -19.57 1.45
N ARG B 196 4.23 -19.75 0.18
CA ARG B 196 3.56 -20.73 -0.67
C ARG B 196 3.88 -22.15 -0.19
N LYS B 197 5.15 -22.41 0.09
CA LYS B 197 5.59 -23.71 0.61
C LYS B 197 4.80 -24.10 1.86
N GLU B 198 4.54 -23.12 2.71
CA GLU B 198 3.81 -23.34 3.94
C GLU B 198 2.38 -23.77 3.63
N ILE B 199 1.75 -23.05 2.72
CA ILE B 199 0.38 -23.37 2.31
C ILE B 199 0.37 -24.77 1.71
N ALA B 200 1.45 -25.12 1.02
CA ALA B 200 1.60 -26.44 0.40
C ALA B 200 1.66 -27.52 1.47
N GLU B 201 2.71 -27.48 2.29
CA GLU B 201 2.90 -28.45 3.36
C GLU B 201 1.64 -28.65 4.17
N TYR B 202 0.91 -27.56 4.39
CA TYR B 202 -0.33 -27.63 5.14
C TYR B 202 -1.28 -28.56 4.40
N VAL B 203 -1.37 -28.38 3.09
CA VAL B 203 -2.27 -29.17 2.26
C VAL B 203 -1.89 -30.65 2.14
N MET B 204 -0.58 -30.90 2.16
CA MET B 204 -0.06 -32.27 2.07
C MET B 204 -0.18 -32.93 3.45
N GLY B 205 -0.53 -32.12 4.44
CA GLY B 205 -0.68 -32.58 5.81
C GLY B 205 0.66 -32.95 6.42
N ILE B 206 1.70 -32.21 6.04
CA ILE B 206 3.05 -32.48 6.52
C ILE B 206 3.20 -32.23 8.02
N GLY B 207 3.03 -30.98 8.43
CA GLY B 207 3.15 -30.62 9.84
C GLY B 207 1.93 -31.04 10.66
N VAL B 208 0.77 -31.11 10.00
CA VAL B 208 -0.47 -31.46 10.67
C VAL B 208 -0.32 -32.68 11.58
N PRO B 209 -0.75 -32.51 12.83
CA PRO B 209 -0.68 -33.58 13.82
C PRO B 209 -1.98 -34.36 13.85
N GLY B 210 -1.90 -35.65 14.20
CA GLY B 210 -3.09 -36.49 14.29
C GLY B 210 -3.98 -36.05 15.45
N TYR B 211 -5.25 -35.81 15.15
CA TYR B 211 -6.23 -35.40 16.16
C TYR B 211 -7.08 -36.63 16.50
N PRO B 212 -6.65 -37.37 17.53
CA PRO B 212 -7.28 -38.61 17.94
C PRO B 212 -8.77 -38.64 18.30
N GLY B 213 -9.23 -37.68 19.09
CA GLY B 213 -10.62 -37.67 19.53
C GLY B 213 -11.58 -36.80 18.74
N GLY B 214 -11.05 -35.77 18.10
CA GLY B 214 -11.84 -34.81 17.33
C GLY B 214 -13.04 -35.39 16.57
N SER B 215 -14.11 -34.61 16.49
CA SER B 215 -15.32 -35.05 15.80
C SER B 215 -15.14 -35.03 14.29
N GLU B 216 -16.10 -35.63 13.58
CA GLU B 216 -16.08 -35.65 12.13
C GLU B 216 -16.66 -34.32 11.66
N ASN B 217 -17.38 -33.67 12.58
CA ASN B 217 -17.98 -32.38 12.28
C ASN B 217 -17.10 -31.25 12.84
N ALA B 218 -15.83 -31.57 13.08
CA ALA B 218 -14.85 -30.61 13.60
C ALA B 218 -14.73 -29.38 12.68
N PRO B 219 -13.64 -28.62 12.79
CA PRO B 219 -13.49 -27.44 11.95
C PRO B 219 -12.49 -27.65 10.81
N GLY B 220 -11.22 -27.30 11.09
CA GLY B 220 -10.18 -27.42 10.08
C GLY B 220 -9.63 -28.84 10.00
N TRP B 221 -8.29 -28.95 10.03
CA TRP B 221 -7.61 -30.24 9.94
C TRP B 221 -8.00 -31.21 11.06
N VAL B 222 -9.08 -30.89 11.78
CA VAL B 222 -9.55 -31.76 12.85
C VAL B 222 -10.61 -32.67 12.28
N GLY B 223 -11.72 -32.08 11.84
CA GLY B 223 -12.81 -32.85 11.25
C GLY B 223 -12.27 -33.70 10.10
N ARG B 224 -11.17 -33.25 9.52
CA ARG B 224 -10.55 -33.98 8.42
C ARG B 224 -9.96 -35.29 8.91
N LYS B 225 -8.82 -35.20 9.60
CA LYS B 225 -8.14 -36.39 10.12
C LYS B 225 -9.07 -37.39 10.77
N ASN B 226 -10.16 -36.88 11.36
CA ASN B 226 -11.14 -37.75 12.01
C ASN B 226 -12.22 -38.13 11.00
N ARG B 227 -11.81 -38.15 9.73
CA ARG B 227 -12.70 -38.52 8.65
C ARG B 227 -11.91 -39.36 7.65
N GLY B 228 -10.81 -39.92 8.13
CA GLY B 228 -9.96 -40.78 7.30
C GLY B 228 -8.83 -40.03 6.60
N ILE B 229 -9.17 -38.91 5.96
CA ILE B 229 -8.20 -38.10 5.23
C ILE B 229 -6.89 -37.90 6.00
N ASN B 230 -5.77 -37.88 5.29
CA ASN B 230 -4.47 -37.70 5.94
C ASN B 230 -3.43 -36.94 5.11
N GLY B 231 -3.90 -36.16 4.14
CA GLY B 231 -3.01 -35.36 3.30
C GLY B 231 -3.40 -35.44 1.84
N VAL B 232 -2.80 -34.58 1.02
CA VAL B 232 -3.06 -34.60 -0.42
C VAL B 232 -1.78 -34.79 -1.20
N THR B 233 -1.76 -35.81 -2.07
CA THR B 233 -0.57 -36.11 -2.88
C THR B 233 -0.48 -35.12 -4.02
N ILE B 234 0.35 -34.10 -3.83
CA ILE B 234 0.47 -33.02 -4.75
C ILE B 234 1.96 -32.77 -5.01
N ASP B 235 2.30 -32.30 -6.21
CA ASP B 235 3.70 -31.97 -6.47
C ASP B 235 3.99 -30.59 -5.92
N GLU B 236 4.54 -30.54 -4.71
CA GLU B 236 4.82 -29.28 -4.05
C GLU B 236 5.68 -28.29 -4.84
N GLN B 237 6.67 -28.81 -5.55
CA GLN B 237 7.55 -27.93 -6.32
C GLN B 237 6.77 -26.99 -7.24
N VAL B 238 5.56 -27.40 -7.60
CA VAL B 238 4.70 -26.63 -8.47
C VAL B 238 4.04 -25.48 -7.71
N THR B 239 3.74 -25.71 -6.44
CA THR B 239 3.08 -24.70 -5.62
C THR B 239 4.04 -23.63 -5.10
N ILE B 240 5.27 -24.03 -4.81
CA ILE B 240 6.27 -23.10 -4.30
C ILE B 240 6.85 -22.25 -5.43
N ASP B 241 6.60 -22.69 -6.65
CA ASP B 241 7.09 -21.97 -7.82
C ASP B 241 6.23 -20.74 -8.13
N VAL B 242 6.83 -19.56 -7.97
CA VAL B 242 6.14 -18.30 -8.20
C VAL B 242 6.13 -17.92 -9.68
N LYS B 243 7.20 -18.29 -10.37
CA LYS B 243 7.38 -18.03 -11.78
C LYS B 243 7.17 -19.38 -12.50
N ARG B 244 5.93 -19.87 -12.49
CA ARG B 244 5.61 -21.16 -13.09
C ARG B 244 4.61 -21.03 -14.24
N LEU B 245 4.70 -21.93 -15.21
CA LEU B 245 3.81 -21.92 -16.37
C LEU B 245 2.51 -22.69 -16.15
N ILE B 246 1.45 -22.25 -16.82
CA ILE B 246 0.14 -22.89 -16.73
C ILE B 246 -0.31 -23.33 -18.11
N ARG B 247 -0.38 -24.64 -18.34
CA ARG B 247 -0.82 -25.17 -19.62
C ARG B 247 -2.22 -24.60 -19.86
N ILE B 248 -2.34 -23.71 -20.83
CA ILE B 248 -3.57 -23.00 -21.14
C ILE B 248 -4.79 -23.89 -21.30
N PRO B 249 -5.88 -23.58 -20.61
CA PRO B 249 -7.11 -24.38 -20.69
C PRO B 249 -7.68 -24.33 -22.10
N ASN B 250 -8.31 -25.44 -22.50
CA ASN B 250 -8.87 -25.58 -23.84
C ASN B 250 -7.78 -25.82 -24.89
N SER B 251 -6.54 -25.84 -24.44
CA SER B 251 -5.42 -26.13 -25.30
C SER B 251 -5.34 -27.65 -25.42
N LEU B 252 -4.50 -28.13 -26.33
CA LEU B 252 -4.33 -29.55 -26.56
C LEU B 252 -3.04 -30.07 -25.95
N HIS B 253 -3.12 -31.22 -25.28
CA HIS B 253 -1.95 -31.81 -24.67
C HIS B 253 -1.11 -32.60 -25.67
N GLY B 254 0.12 -32.15 -25.89
CA GLY B 254 1.02 -32.77 -26.87
C GLY B 254 1.37 -34.23 -26.64
N LYS B 255 0.86 -34.82 -25.57
CA LYS B 255 1.17 -36.21 -25.28
C LYS B 255 -0.07 -37.06 -25.25
N SER B 256 -1.19 -36.50 -25.68
CA SER B 256 -2.43 -37.26 -25.70
C SER B 256 -3.40 -36.69 -26.72
N GLY B 257 -3.19 -35.43 -27.09
CA GLY B 257 -4.08 -34.77 -28.02
C GLY B 257 -5.42 -34.60 -27.33
N LEU B 258 -5.37 -34.59 -26.01
CA LEU B 258 -6.57 -34.42 -25.21
C LEU B 258 -6.72 -32.94 -24.85
N ILE B 259 -7.95 -32.52 -24.59
CA ILE B 259 -8.19 -31.11 -24.27
C ILE B 259 -8.04 -30.78 -22.79
N VAL B 260 -7.24 -29.76 -22.51
CA VAL B 260 -7.03 -29.28 -21.14
C VAL B 260 -8.34 -28.65 -20.65
N LYS B 261 -9.34 -29.51 -20.42
CA LYS B 261 -10.67 -29.06 -20.05
C LYS B 261 -10.89 -28.79 -18.57
N ARG B 262 -11.73 -27.79 -18.30
CA ARG B 262 -12.11 -27.44 -16.95
C ARG B 262 -13.16 -28.43 -16.46
N VAL B 263 -13.06 -28.82 -15.19
CA VAL B 263 -14.00 -29.75 -14.61
C VAL B 263 -14.91 -29.04 -13.60
N PRO B 264 -16.22 -29.09 -13.83
CA PRO B 264 -17.17 -28.48 -12.92
C PRO B 264 -17.56 -29.53 -11.88
N ASN B 265 -18.12 -30.65 -12.33
CA ASN B 265 -18.53 -31.70 -11.41
C ASN B 265 -17.48 -32.80 -11.33
N LEU B 266 -16.88 -32.96 -10.14
CA LEU B 266 -15.87 -33.99 -9.94
C LEU B 266 -16.47 -35.40 -9.97
N ASP B 267 -17.79 -35.48 -10.05
CA ASP B 267 -18.47 -36.78 -10.09
C ASP B 267 -19.01 -37.08 -11.48
N ASP B 268 -18.93 -36.07 -12.35
CA ASP B 268 -19.42 -36.20 -13.72
C ASP B 268 -18.25 -36.24 -14.71
N PHE B 269 -17.09 -36.64 -14.22
CA PHE B 269 -15.92 -36.72 -15.09
C PHE B 269 -15.64 -38.13 -15.57
N GLU B 270 -15.60 -38.31 -16.89
CA GLU B 270 -15.34 -39.61 -17.49
C GLU B 270 -14.10 -39.57 -18.40
N PHE B 271 -13.24 -40.60 -18.32
CA PHE B 271 -11.95 -40.83 -19.07
C PHE B 271 -12.40 -41.55 -20.37
N ASN B 272 -12.92 -40.81 -21.35
CA ASN B 272 -13.35 -41.38 -22.62
C ASN B 272 -12.49 -40.75 -23.69
N GLU B 273 -12.90 -40.99 -24.94
CA GLU B 273 -12.24 -40.41 -26.09
C GLU B 273 -12.89 -39.04 -26.29
N THR B 274 -14.00 -38.85 -25.59
CA THR B 274 -14.75 -37.60 -25.67
C THR B 274 -13.90 -36.41 -25.22
N LEU B 275 -12.84 -36.71 -24.48
CA LEU B 275 -11.91 -35.68 -24.03
C LEU B 275 -11.02 -35.25 -25.20
N SER B 276 -11.39 -35.70 -26.40
CA SER B 276 -10.64 -35.40 -27.61
C SER B 276 -11.58 -34.84 -28.65
N PRO B 277 -11.24 -33.66 -29.15
CA PRO B 277 -12.02 -32.96 -30.16
C PRO B 277 -12.09 -33.73 -31.48
N PHE B 278 -10.95 -34.27 -31.89
CA PHE B 278 -10.80 -35.02 -33.14
C PHE B 278 -11.97 -35.95 -33.47
N THR B 279 -12.33 -36.00 -34.75
CA THR B 279 -13.50 -36.76 -35.20
C THR B 279 -13.33 -37.98 -36.12
N GLY B 280 -12.79 -37.75 -37.31
CA GLY B 280 -12.66 -38.79 -38.33
C GLY B 280 -12.28 -40.23 -37.92
N TYR B 281 -11.51 -40.88 -38.79
CA TYR B 281 -11.06 -42.24 -38.57
C TYR B 281 -9.60 -42.33 -39.01
N THR B 282 -8.78 -43.02 -38.24
CA THR B 282 -7.37 -43.12 -38.58
C THR B 282 -6.90 -44.56 -38.78
N ILE B 283 -5.92 -44.73 -39.66
CA ILE B 283 -5.37 -46.04 -39.88
C ILE B 283 -4.06 -46.03 -39.11
N PHE B 284 -4.06 -46.75 -37.99
CA PHE B 284 -2.92 -46.79 -37.11
C PHE B 284 -2.06 -48.04 -37.32
N LEU B 285 -0.75 -47.84 -37.36
CA LEU B 285 0.22 -48.92 -37.53
C LEU B 285 1.13 -49.03 -36.32
N PRO B 286 0.80 -49.96 -35.42
CA PRO B 286 1.55 -50.16 -34.18
C PRO B 286 3.04 -50.47 -34.35
N TYR B 287 3.84 -50.00 -33.40
CA TYR B 287 5.27 -50.24 -33.40
C TYR B 287 5.55 -51.56 -32.72
N ILE B 288 4.54 -52.03 -32.00
CA ILE B 288 4.72 -53.12 -31.07
C ILE B 288 3.43 -53.91 -30.77
N THR B 289 3.57 -55.14 -30.28
CA THR B 289 2.42 -55.97 -29.89
C THR B 289 2.17 -55.78 -28.38
N ILE B 290 1.01 -55.24 -28.03
CA ILE B 290 0.65 -54.97 -26.65
C ILE B 290 -0.85 -55.00 -26.43
N GLU B 291 -1.26 -55.22 -25.19
CA GLU B 291 -2.67 -55.20 -24.83
C GLU B 291 -2.74 -54.26 -23.63
N THR B 292 -3.28 -53.07 -23.87
CA THR B 292 -3.37 -52.06 -22.81
C THR B 292 -4.69 -51.34 -22.81
N GLU B 293 -5.00 -50.73 -21.68
CA GLU B 293 -6.20 -49.94 -21.52
C GLU B 293 -5.94 -48.56 -22.14
N VAL B 294 -6.78 -48.19 -23.10
CA VAL B 294 -6.63 -46.89 -23.73
C VAL B 294 -7.94 -46.11 -23.68
N LEU B 295 -7.92 -45.01 -22.95
CA LEU B 295 -9.09 -44.16 -22.77
C LEU B 295 -10.27 -44.96 -22.24
N GLY B 296 -9.99 -45.77 -21.21
CA GLY B 296 -11.03 -46.57 -20.54
C GLY B 296 -11.50 -47.79 -21.31
N SER B 297 -10.56 -48.46 -21.99
CA SER B 297 -10.90 -49.66 -22.75
C SER B 297 -9.63 -50.33 -23.27
N ILE B 298 -9.57 -51.65 -23.13
CA ILE B 298 -8.40 -52.40 -23.57
C ILE B 298 -8.35 -52.49 -25.09
N ILE B 299 -7.14 -52.48 -25.62
CA ILE B 299 -6.93 -52.55 -27.07
C ILE B 299 -5.80 -53.53 -27.34
N LYS B 300 -6.05 -54.47 -28.25
CA LYS B 300 -5.03 -55.43 -28.62
C LYS B 300 -4.28 -54.87 -29.83
N LEU B 301 -2.97 -54.66 -29.68
CA LEU B 301 -2.17 -54.12 -30.76
C LEU B 301 -1.11 -55.11 -31.18
N ASN B 302 -1.12 -55.44 -32.47
CA ASN B 302 -0.10 -56.32 -33.03
C ASN B 302 0.80 -55.52 -33.95
N ARG B 303 2.11 -55.63 -33.75
CA ARG B 303 3.08 -54.90 -34.56
C ARG B 303 2.80 -55.10 -36.04
N GLY B 304 3.17 -54.11 -36.84
CA GLY B 304 3.01 -54.19 -38.30
C GLY B 304 1.57 -54.28 -38.79
N ILE B 305 0.68 -54.82 -37.99
CA ILE B 305 -0.72 -54.94 -38.41
C ILE B 305 -1.49 -53.62 -38.28
N PRO B 306 -1.84 -53.01 -39.41
CA PRO B 306 -2.58 -51.75 -39.39
C PRO B 306 -3.98 -51.93 -38.83
N ILE B 307 -4.52 -50.85 -38.26
CA ILE B 307 -5.86 -50.85 -37.68
C ILE B 307 -6.56 -49.53 -37.99
N LYS B 308 -7.87 -49.61 -38.27
CA LYS B 308 -8.65 -48.41 -38.51
C LYS B 308 -9.46 -48.13 -37.25
N ILE B 309 -9.07 -47.06 -36.56
CA ILE B 309 -9.72 -46.67 -35.32
C ILE B 309 -10.17 -45.21 -35.40
N LYS B 310 -10.97 -44.78 -34.41
CA LYS B 310 -11.43 -43.39 -34.37
C LYS B 310 -10.21 -42.48 -34.22
N SER B 311 -10.27 -41.32 -34.86
CA SER B 311 -9.17 -40.34 -34.83
C SER B 311 -8.73 -40.10 -33.39
N SER B 312 -9.67 -40.11 -32.46
CA SER B 312 -9.35 -39.89 -31.05
C SER B 312 -8.24 -40.82 -30.59
N ILE B 313 -8.56 -42.10 -30.63
CA ILE B 313 -7.64 -43.14 -30.19
C ILE B 313 -6.37 -43.21 -31.02
N GLY B 314 -6.52 -42.95 -32.31
CA GLY B 314 -5.38 -43.01 -33.22
C GLY B 314 -4.31 -42.01 -32.85
N ILE B 315 -4.75 -40.77 -32.72
CA ILE B 315 -3.82 -39.69 -32.41
C ILE B 315 -3.24 -39.88 -31.01
N TYR B 316 -4.09 -40.34 -30.09
CA TYR B 316 -3.65 -40.62 -28.74
C TYR B 316 -2.44 -41.56 -28.79
N LEU B 317 -2.68 -42.79 -29.23
CA LEU B 317 -1.65 -43.83 -29.32
C LEU B 317 -0.41 -43.36 -30.08
N HIS B 318 -0.63 -42.48 -31.06
CA HIS B 318 0.47 -41.94 -31.84
C HIS B 318 1.41 -41.11 -30.97
N LEU B 319 0.82 -40.18 -30.20
CA LEU B 319 1.57 -39.30 -29.30
C LEU B 319 1.97 -40.03 -28.04
N ARG B 320 1.37 -41.21 -27.82
CA ARG B 320 1.68 -42.05 -26.67
C ARG B 320 2.93 -42.89 -26.99
N ASN B 321 3.29 -42.94 -28.27
CA ASN B 321 4.47 -43.67 -28.77
C ASN B 321 4.23 -45.11 -29.23
N LEU B 322 2.99 -45.56 -29.21
CA LEU B 322 2.67 -46.93 -29.59
C LEU B 322 2.69 -47.19 -31.09
N GLY B 323 2.74 -46.14 -31.90
CA GLY B 323 2.76 -46.33 -33.34
C GLY B 323 2.64 -45.02 -34.08
N GLU B 324 2.16 -45.11 -35.32
CA GLU B 324 2.00 -43.95 -36.18
C GLU B 324 0.63 -43.94 -36.84
N VAL B 325 0.11 -42.74 -37.07
CA VAL B 325 -1.15 -42.59 -37.79
C VAL B 325 -0.76 -42.46 -39.26
N LYS B 326 -1.14 -43.46 -40.04
CA LYS B 326 -0.76 -43.52 -41.45
C LYS B 326 -1.69 -42.80 -42.41
N ALA B 327 -2.99 -42.83 -42.10
CA ALA B 327 -3.96 -42.19 -42.96
C ALA B 327 -5.19 -41.74 -42.19
N TYR B 328 -5.81 -40.68 -42.67
CA TYR B 328 -7.03 -40.14 -42.08
C TYR B 328 -8.20 -40.44 -43.00
N VAL B 329 -9.22 -41.07 -42.47
CA VAL B 329 -10.44 -41.37 -43.20
C VAL B 329 -11.60 -40.66 -42.51
N ARG B 330 -12.21 -39.72 -43.24
CA ARG B 330 -13.34 -38.95 -42.72
C ARG B 330 -14.63 -39.77 -42.71
N LEU C 3 14.54 48.50 24.63
CA LEU C 3 14.38 47.18 25.25
C LEU C 3 15.15 47.03 26.55
N ASP C 4 14.43 46.74 27.64
CA ASP C 4 15.04 46.61 28.96
C ASP C 4 15.64 45.24 29.28
N VAL C 5 16.98 45.17 29.21
CA VAL C 5 17.67 43.93 29.53
C VAL C 5 17.40 43.56 30.99
N LYS C 6 17.01 44.56 31.78
CA LYS C 6 16.68 44.34 33.19
C LYS C 6 15.43 43.47 33.32
N LYS C 7 14.57 43.54 32.32
CA LYS C 7 13.32 42.77 32.31
C LYS C 7 13.48 41.47 31.52
N TYR C 8 14.13 41.58 30.36
CA TYR C 8 14.33 40.44 29.48
C TYR C 8 15.80 40.01 29.41
N PRO C 9 16.28 39.48 30.52
CA PRO C 9 17.66 39.02 30.65
C PRO C 9 18.18 38.28 29.44
N PHE C 10 17.45 37.25 29.00
CA PHE C 10 17.85 36.42 27.86
C PHE C 10 18.34 37.22 26.65
N ILE C 11 17.91 38.48 26.57
CA ILE C 11 18.32 39.40 25.51
C ILE C 11 19.86 39.49 25.43
N LYS C 12 20.49 39.67 26.58
CA LYS C 12 21.96 39.81 26.69
C LYS C 12 22.69 38.48 26.79
N SER C 13 23.84 38.41 26.14
CA SER C 13 24.67 37.20 26.16
C SER C 13 25.42 37.11 27.47
N LEU C 14 25.52 35.89 28.01
CA LEU C 14 26.22 35.69 29.26
C LEU C 14 27.63 36.26 29.21
N ASP C 15 28.34 35.99 28.11
CA ASP C 15 29.71 36.44 27.98
C ASP C 15 29.86 37.95 27.90
N ASP C 16 28.84 38.62 27.40
CA ASP C 16 28.87 40.07 27.32
C ASP C 16 28.75 40.63 28.73
N GLU C 17 28.03 39.92 29.58
CA GLU C 17 27.85 40.30 30.98
C GLU C 17 29.10 39.98 31.79
N LEU C 18 29.68 38.81 31.55
CA LEU C 18 30.88 38.38 32.26
C LEU C 18 32.04 39.34 32.00
N LYS C 19 32.02 39.99 30.84
CA LYS C 19 33.05 40.94 30.46
C LYS C 19 33.27 42.02 31.50
N LYS C 20 32.19 42.67 31.93
CA LYS C 20 32.29 43.76 32.90
C LYS C 20 32.89 43.35 34.25
N TYR C 21 33.23 42.08 34.41
CA TYR C 21 33.82 41.62 35.68
C TYR C 21 35.30 41.30 35.59
N GLY C 22 35.83 41.35 34.37
CA GLY C 22 37.24 41.05 34.15
C GLY C 22 37.40 40.25 32.86
N GLY C 23 38.52 39.59 32.72
CA GLY C 23 38.80 38.81 31.53
C GLY C 23 39.01 37.35 31.90
N GLY C 24 38.39 36.46 31.12
CA GLY C 24 38.52 35.03 31.37
C GLY C 24 37.57 34.68 32.51
N ILE C 25 36.78 35.68 32.90
CA ILE C 25 35.82 35.53 33.98
C ILE C 25 34.86 34.44 33.57
N THR C 26 34.72 33.43 34.41
CA THR C 26 33.80 32.35 34.13
C THR C 26 32.64 32.47 35.11
N LEU C 27 31.45 32.04 34.68
CA LEU C 27 30.29 32.11 35.54
C LEU C 27 30.58 31.45 36.90
N THR C 28 31.14 30.25 36.86
CA THR C 28 31.44 29.56 38.10
C THR C 28 32.33 30.43 38.99
N ASP C 29 33.30 31.10 38.37
CA ASP C 29 34.20 31.98 39.13
C ASP C 29 33.38 32.98 39.94
N LEU C 30 32.44 33.66 39.30
CA LEU C 30 31.59 34.61 40.03
C LEU C 30 30.79 33.84 41.08
N LEU C 31 30.13 32.78 40.64
CA LEU C 31 29.29 31.97 41.52
C LEU C 31 30.02 31.55 42.79
N LEU C 32 31.22 31.03 42.62
CA LEU C 32 32.07 30.60 43.73
C LEU C 32 32.37 31.73 44.71
N ASN C 33 32.40 32.96 44.20
CA ASN C 33 32.68 34.11 45.04
C ASN C 33 31.45 34.93 45.41
N SER C 34 30.40 34.84 44.60
CA SER C 34 29.17 35.56 44.93
C SER C 34 28.44 34.86 46.07
N THR C 35 27.75 35.67 46.87
CA THR C 35 27.00 35.16 48.02
C THR C 35 25.51 35.06 47.67
N THR C 36 24.95 36.18 47.22
CA THR C 36 23.54 36.28 46.86
C THR C 36 23.07 35.41 45.69
N LEU C 37 23.79 35.47 44.59
CA LEU C 37 23.43 34.74 43.37
C LEU C 37 22.85 33.33 43.56
N ILE C 38 23.70 32.39 43.98
CA ILE C 38 23.24 31.02 44.16
C ILE C 38 21.93 30.89 44.92
N ASP C 39 21.76 31.73 45.93
CA ASP C 39 20.54 31.70 46.74
C ASP C 39 19.35 32.27 45.99
N GLN C 40 19.59 33.32 45.20
CA GLN C 40 18.52 33.92 44.44
C GLN C 40 17.98 32.88 43.45
N ALA C 41 18.90 32.08 42.89
CA ALA C 41 18.54 31.01 41.97
C ALA C 41 17.74 29.97 42.72
N LYS C 42 18.32 29.46 43.81
CA LYS C 42 17.67 28.46 44.65
C LYS C 42 16.23 28.85 44.97
N ASP C 43 16.02 30.12 45.29
CA ASP C 43 14.68 30.61 45.59
C ASP C 43 13.78 30.39 44.37
N ARG C 44 14.15 30.99 43.23
CA ARG C 44 13.40 30.82 41.99
C ARG C 44 13.03 29.35 41.77
N ILE C 45 14.02 28.47 41.78
CA ILE C 45 13.76 27.03 41.61
C ILE C 45 12.77 26.49 42.62
N GLN C 46 12.63 27.19 43.75
CA GLN C 46 11.73 26.77 44.81
C GLN C 46 10.36 27.28 44.50
N LYS C 47 10.29 28.60 44.32
CA LYS C 47 9.03 29.25 44.01
C LYS C 47 8.26 28.52 42.94
N THR C 48 8.97 27.73 42.13
CA THR C 48 8.34 26.94 41.08
C THR C 48 8.07 25.54 41.61
N LYS C 49 9.07 24.97 42.28
CA LYS C 49 8.97 23.64 42.88
C LYS C 49 7.72 23.61 43.75
N SER C 50 7.34 24.78 44.25
CA SER C 50 6.15 24.92 45.07
C SER C 50 4.98 25.23 44.16
N GLY C 51 5.21 26.11 43.19
CA GLY C 51 4.18 26.51 42.25
C GLY C 51 3.64 27.89 42.61
N ASP C 52 4.56 28.85 42.78
CA ASP C 52 4.19 30.22 43.12
C ASP C 52 4.73 31.18 42.07
N GLU C 53 4.04 32.31 41.90
CA GLU C 53 4.47 33.32 40.92
C GLU C 53 5.94 33.65 41.05
N LEU C 54 6.63 33.66 39.90
CA LEU C 54 8.05 33.97 39.86
C LEU C 54 8.23 35.47 39.79
N PRO C 55 9.15 35.98 40.61
CA PRO C 55 9.40 37.41 40.67
C PRO C 55 10.10 37.92 39.41
N HIS C 56 9.60 39.03 38.87
CA HIS C 56 10.20 39.64 37.69
C HIS C 56 11.68 39.89 37.98
N TYR C 57 12.49 39.89 36.92
CA TYR C 57 13.92 40.05 37.05
C TYR C 57 14.37 41.44 37.48
N VAL C 58 13.51 42.43 37.28
CA VAL C 58 13.86 43.80 37.65
C VAL C 58 13.98 43.96 39.16
N SER C 59 13.37 43.02 39.88
CA SER C 59 13.39 43.04 41.34
C SER C 59 14.76 42.61 41.89
N TYR C 60 15.69 42.33 40.98
CA TYR C 60 17.01 41.88 41.35
C TYR C 60 18.06 42.97 41.14
N ASN C 61 19.25 42.75 41.71
CA ASN C 61 20.36 43.68 41.56
C ASN C 61 21.15 43.33 40.31
N GLU C 62 21.34 42.04 40.08
CA GLU C 62 22.07 41.57 38.89
C GLU C 62 21.21 40.59 38.10
N PRO C 63 20.09 41.08 37.59
CA PRO C 63 19.14 40.27 36.83
C PRO C 63 19.78 39.28 35.85
N VAL C 64 20.52 39.78 34.87
CA VAL C 64 21.15 38.92 33.87
C VAL C 64 21.96 37.79 34.50
N LEU C 65 22.74 38.11 35.51
CA LEU C 65 23.58 37.11 36.18
C LEU C 65 22.74 36.09 36.93
N VAL C 66 21.62 36.55 37.48
CA VAL C 66 20.70 35.67 38.20
C VAL C 66 20.01 34.73 37.21
N PHE C 67 19.66 35.28 36.05
CA PHE C 67 19.01 34.50 35.01
C PHE C 67 19.88 33.31 34.66
N TYR C 68 21.07 33.60 34.14
CA TYR C 68 21.97 32.55 33.74
C TYR C 68 22.37 31.58 34.85
N THR C 69 22.26 32.03 36.09
CA THR C 69 22.63 31.19 37.22
C THR C 69 21.54 30.17 37.53
N THR C 70 20.29 30.59 37.43
CA THR C 70 19.17 29.69 37.66
C THR C 70 19.09 28.67 36.53
N LEU C 71 19.56 29.06 35.35
CA LEU C 71 19.59 28.15 34.21
C LEU C 71 20.70 27.14 34.48
N LEU C 72 21.87 27.63 34.85
CA LEU C 72 23.00 26.74 35.12
C LEU C 72 22.73 25.79 36.28
N SER C 73 21.86 26.20 37.19
CA SER C 73 21.52 25.36 38.34
C SER C 73 20.58 24.26 37.87
N LEU C 74 19.58 24.66 37.09
CA LEU C 74 18.61 23.73 36.54
C LEU C 74 19.39 22.66 35.78
N ALA C 75 20.41 23.13 35.05
CA ALA C 75 21.28 22.28 34.26
C ALA C 75 21.95 21.23 35.14
N ILE C 76 22.47 21.68 36.28
CA ILE C 76 23.17 20.81 37.21
C ILE C 76 22.27 19.86 37.98
N LEU C 77 21.09 20.35 38.33
CA LEU C 77 20.12 19.58 39.09
C LEU C 77 19.73 18.26 38.41
N ASN C 78 19.51 18.31 37.10
CA ASN C 78 19.15 17.12 36.34
C ASN C 78 17.72 16.66 36.60
N ASP C 79 16.78 17.60 36.46
CA ASP C 79 15.38 17.29 36.67
C ASP C 79 14.59 17.80 35.48
N VAL C 80 14.40 16.91 34.51
CA VAL C 80 13.67 17.24 33.30
C VAL C 80 12.32 17.82 33.70
N LYS C 81 11.68 17.16 34.66
CA LYS C 81 10.39 17.59 35.17
C LYS C 81 10.45 19.02 35.68
N LEU C 82 11.54 19.35 36.37
CA LEU C 82 11.73 20.68 36.91
C LEU C 82 12.05 21.71 35.82
N ILE C 83 12.92 21.31 34.89
CA ILE C 83 13.29 22.21 33.79
C ILE C 83 12.05 22.64 33.04
N ARG C 84 11.16 21.67 32.81
CA ARG C 84 9.91 21.90 32.10
C ARG C 84 8.97 22.74 32.98
N ARG C 85 8.86 22.34 34.24
CA ARG C 85 8.04 23.04 35.21
C ARG C 85 8.48 24.50 35.32
N TYR C 86 9.79 24.70 35.32
CA TYR C 86 10.36 26.04 35.44
C TYR C 86 10.07 26.90 34.22
N ALA C 87 10.45 26.41 33.05
CA ALA C 87 10.25 27.13 31.80
C ALA C 87 8.81 27.59 31.61
N TYR C 88 7.86 26.83 32.14
CA TYR C 88 6.46 27.23 32.02
C TYR C 88 6.20 28.43 32.93
N ALA C 89 6.57 28.28 34.20
CA ALA C 89 6.40 29.36 35.17
C ALA C 89 7.17 30.61 34.77
N GLU C 90 8.36 30.38 34.22
CA GLU C 90 9.20 31.48 33.77
C GLU C 90 8.52 32.28 32.66
N ALA C 91 8.16 31.58 31.58
CA ALA C 91 7.50 32.22 30.45
C ALA C 91 6.25 32.97 30.89
N LYS C 92 5.47 32.34 31.77
CA LYS C 92 4.26 32.96 32.30
C LYS C 92 4.64 34.34 32.84
N GLN C 93 5.67 34.38 33.68
CA GLN C 93 6.14 35.63 34.27
C GLN C 93 6.44 36.70 33.23
N PHE C 94 7.24 36.33 32.22
CA PHE C 94 7.62 37.26 31.16
C PHE C 94 6.39 37.80 30.44
N ARG C 95 5.32 37.01 30.39
CA ARG C 95 4.09 37.40 29.71
C ARG C 95 3.59 38.71 30.28
N SER C 96 3.37 38.65 31.58
CA SER C 96 2.92 39.77 32.40
C SER C 96 3.67 41.07 32.01
N LEU C 97 4.98 40.96 31.87
CA LEU C 97 5.81 42.10 31.50
C LEU C 97 5.45 42.64 30.12
N LEU C 98 5.28 41.73 29.16
CA LEU C 98 4.97 42.08 27.79
C LEU C 98 3.62 42.77 27.67
N HIS C 99 2.66 42.34 28.50
CA HIS C 99 1.33 42.91 28.49
C HIS C 99 1.32 44.41 28.78
N THR C 100 2.51 44.98 28.93
CA THR C 100 2.68 46.39 29.24
C THR C 100 3.77 46.99 28.35
N GLU C 101 4.20 46.20 27.37
CA GLU C 101 5.27 46.62 26.48
C GLU C 101 4.78 47.41 25.26
N ASN C 102 5.69 48.19 24.67
CA ASN C 102 5.37 48.98 23.50
C ASN C 102 5.25 48.11 22.26
N GLU C 103 4.70 48.67 21.19
CA GLU C 103 4.56 47.94 19.95
C GLU C 103 5.93 47.63 19.39
N GLU C 104 6.72 48.67 19.16
CA GLU C 104 8.05 48.51 18.62
C GLU C 104 8.86 47.52 19.43
N ASN C 105 8.63 47.54 20.75
CA ASN C 105 9.34 46.65 21.66
C ASN C 105 8.90 45.20 21.50
N LEU C 106 7.59 45.00 21.39
CA LEU C 106 7.03 43.67 21.22
C LEU C 106 7.59 43.10 19.93
N LEU C 107 7.62 43.94 18.90
CA LEU C 107 8.12 43.56 17.59
C LEU C 107 9.60 43.19 17.61
N GLU C 108 10.34 43.76 18.55
CA GLU C 108 11.77 43.49 18.64
C GLU C 108 12.08 42.14 19.27
N ILE C 109 11.40 41.83 20.37
CA ILE C 109 11.62 40.56 21.05
C ILE C 109 11.28 39.40 20.11
N SER C 110 10.30 39.62 19.23
CA SER C 110 9.90 38.62 18.27
C SER C 110 11.09 38.35 17.36
N LYS C 111 11.60 39.39 16.71
CA LYS C 111 12.75 39.29 15.83
C LYS C 111 13.90 38.55 16.54
N LEU C 112 14.18 38.95 17.78
CA LEU C 112 15.22 38.31 18.57
C LEU C 112 14.86 36.85 18.81
N LEU C 113 13.59 36.63 19.12
CA LEU C 113 13.08 35.29 19.38
C LEU C 113 12.91 34.48 18.09
N ASP C 114 13.18 35.12 16.96
CA ASP C 114 13.10 34.45 15.65
C ASP C 114 11.70 34.27 15.09
N LEU C 115 10.79 35.16 15.45
CA LEU C 115 9.43 35.11 14.93
C LEU C 115 9.28 36.13 13.83
N LYS C 116 8.67 35.72 12.73
CA LYS C 116 8.52 36.60 11.59
C LYS C 116 7.20 37.35 11.60
N ILE C 117 6.92 38.03 12.70
CA ILE C 117 5.69 38.80 12.81
C ILE C 117 6.00 40.26 12.58
N ASN C 118 5.23 40.90 11.72
CA ASN C 118 5.42 42.31 11.41
C ASN C 118 4.11 43.09 11.45
N ARG C 119 4.20 44.39 11.18
CA ARG C 119 3.00 45.22 11.16
C ARG C 119 2.53 45.35 9.72
N CYS C 120 1.23 45.53 9.54
CA CYS C 120 0.65 45.65 8.20
C CYS C 120 -0.67 46.39 8.30
N ASP C 121 -1.07 47.00 7.19
CA ASP C 121 -2.33 47.76 7.14
C ASP C 121 -3.44 46.95 7.79
N PRO C 122 -3.63 47.21 9.08
CA PRO C 122 -4.62 46.50 9.89
C PRO C 122 -5.96 46.33 9.18
N ILE C 123 -6.64 45.25 9.57
CA ILE C 123 -7.93 44.90 9.01
C ILE C 123 -8.99 45.00 10.11
N LYS C 124 -10.09 45.69 9.82
CA LYS C 124 -11.16 45.85 10.79
C LYS C 124 -12.42 45.14 10.31
N PHE C 125 -13.16 44.55 11.24
CA PHE C 125 -14.38 43.84 10.89
C PHE C 125 -15.32 43.71 12.08
N TYR C 126 -16.61 43.76 11.83
CA TYR C 126 -17.59 43.68 12.90
C TYR C 126 -17.63 42.31 13.57
N LEU C 127 -17.25 42.26 14.85
CA LEU C 127 -17.33 41.02 15.59
C LEU C 127 -18.65 41.05 16.38
N GLU C 128 -19.24 39.88 16.61
CA GLU C 128 -20.50 39.81 17.34
C GLU C 128 -20.32 39.65 18.85
N LYS C 129 -19.13 39.21 19.26
CA LYS C 129 -18.84 39.05 20.67
C LYS C 129 -18.58 40.39 21.33
N LYS C 130 -17.94 41.28 20.57
CA LYS C 130 -17.63 42.62 21.07
C LYS C 130 -18.78 43.55 20.73
N ARG C 131 -19.72 43.05 19.95
CA ARG C 131 -20.87 43.85 19.50
C ARG C 131 -20.31 45.12 18.85
N ARG C 132 -19.04 45.06 18.46
CA ARG C 132 -18.32 46.19 17.88
C ARG C 132 -17.23 45.71 16.92
N ILE C 133 -16.73 46.63 16.10
CA ILE C 133 -15.66 46.34 15.16
C ILE C 133 -14.32 46.03 15.83
N ILE C 134 -13.72 44.92 15.41
CA ILE C 134 -12.43 44.49 15.92
C ILE C 134 -11.37 44.72 14.83
N GLN C 135 -10.10 44.83 15.22
CA GLN C 135 -9.05 45.08 14.24
C GLN C 135 -7.67 44.50 14.58
N LYS C 136 -7.07 43.81 13.62
CA LYS C 136 -5.74 43.23 13.79
C LYS C 136 -4.72 43.97 12.94
N GLU C 137 -3.52 44.15 13.47
CA GLU C 137 -2.47 44.90 12.77
C GLU C 137 -1.18 44.10 12.59
N PHE C 138 -1.11 42.95 13.24
CA PHE C 138 0.06 42.11 13.16
C PHE C 138 -0.21 40.90 12.30
N CYS C 139 0.66 40.65 11.33
CA CYS C 139 0.46 39.52 10.45
C CYS C 139 1.70 38.68 10.19
N VAL C 140 1.52 37.37 10.28
CA VAL C 140 2.57 36.40 10.01
C VAL C 140 2.18 35.66 8.73
N HIS C 141 3.15 35.12 8.03
CA HIS C 141 2.83 34.39 6.81
C HIS C 141 2.37 32.99 7.20
N PHE C 142 1.25 32.58 6.62
CA PHE C 142 0.62 31.30 6.93
C PHE C 142 1.55 30.11 7.08
N ILE C 143 2.61 30.09 6.27
CA ILE C 143 3.54 28.97 6.33
C ILE C 143 4.23 28.96 7.69
N ASP C 144 4.79 30.11 8.07
CA ASP C 144 5.45 30.26 9.35
C ASP C 144 4.47 30.00 10.48
N TYR C 145 3.32 30.69 10.44
CA TYR C 145 2.31 30.55 11.47
C TYR C 145 2.03 29.10 11.81
N LEU C 146 2.06 28.24 10.78
CA LEU C 146 1.81 26.82 10.95
C LEU C 146 2.97 26.18 11.69
N LYS C 147 4.17 26.71 11.41
CA LYS C 147 5.40 26.25 12.05
C LYS C 147 5.30 26.57 13.54
N TYR C 148 5.17 27.86 13.82
CA TYR C 148 5.09 28.39 15.18
C TYR C 148 4.01 27.74 16.05
N THR C 149 2.86 27.47 15.46
CA THR C 149 1.75 26.90 16.23
C THR C 149 1.69 25.37 16.19
N LYS C 150 2.68 24.74 15.57
CA LYS C 150 2.69 23.29 15.44
C LYS C 150 2.33 22.52 16.71
N ASP C 151 2.91 22.90 17.85
CA ASP C 151 2.62 22.17 19.07
C ASP C 151 1.83 22.92 20.14
N LEU C 152 0.94 23.81 19.70
CA LEU C 152 0.13 24.59 20.63
C LEU C 152 -1.26 23.99 20.78
N LYS C 153 -2.24 24.80 21.18
CA LYS C 153 -3.59 24.30 21.39
C LYS C 153 -4.56 24.60 20.26
N GLU C 154 -5.81 24.15 20.42
CA GLU C 154 -6.84 24.34 19.42
C GLU C 154 -7.14 25.80 19.10
N ASP C 155 -6.98 26.67 20.09
CA ASP C 155 -7.25 28.09 19.90
C ASP C 155 -6.41 28.68 18.77
N TRP C 156 -5.22 28.12 18.57
CA TRP C 156 -4.32 28.58 17.52
C TRP C 156 -4.60 27.97 16.15
N LYS C 157 -5.44 26.94 16.12
CA LYS C 157 -5.78 26.27 14.87
C LYS C 157 -6.17 27.24 13.77
N LEU C 158 -5.44 27.18 12.66
CA LEU C 158 -5.65 28.05 11.51
C LEU C 158 -7.11 28.28 11.10
N SER C 159 -7.98 27.33 11.44
CA SER C 159 -9.39 27.43 11.11
C SER C 159 -10.09 28.57 11.86
N GLY C 160 -9.74 28.73 13.13
CA GLY C 160 -10.32 29.79 13.95
C GLY C 160 -9.59 31.11 13.71
N GLN C 161 -8.61 31.06 12.82
CA GLN C 161 -7.81 32.23 12.49
C GLN C 161 -8.42 33.13 11.43
N ILE C 162 -7.72 34.22 11.15
CA ILE C 162 -8.14 35.19 10.16
C ILE C 162 -7.00 35.50 9.19
N LEU C 163 -6.89 34.72 8.12
CA LEU C 163 -5.85 34.96 7.12
C LEU C 163 -6.34 35.60 5.83
N HIS C 164 -5.48 36.48 5.32
CA HIS C 164 -5.82 37.27 4.15
C HIS C 164 -4.62 37.55 3.28
N LYS C 165 -4.67 37.08 2.04
CA LYS C 165 -3.60 37.28 1.07
C LYS C 165 -2.30 36.59 1.48
N GLY C 166 -2.41 35.41 2.08
CA GLY C 166 -1.25 34.65 2.52
C GLY C 166 -0.84 34.88 3.97
N TYR C 167 -1.27 36.00 4.54
CA TYR C 167 -0.91 36.34 5.91
C TYR C 167 -1.99 36.12 6.94
N VAL C 168 -1.56 35.64 8.11
CA VAL C 168 -2.47 35.40 9.21
C VAL C 168 -2.47 36.64 10.10
N TYR C 169 -3.62 37.29 10.24
CA TYR C 169 -3.68 38.48 11.07
C TYR C 169 -3.85 38.19 12.57
N LEU C 170 -3.10 38.94 13.36
CA LEU C 170 -3.04 38.81 14.82
C LEU C 170 -3.29 40.13 15.57
N ASP C 171 -3.77 40.01 16.80
CA ASP C 171 -3.93 41.15 17.68
C ASP C 171 -2.81 41.11 18.72
N LYS C 172 -2.62 42.22 19.43
CA LYS C 172 -1.57 42.29 20.45
C LYS C 172 -1.57 41.10 21.41
N ASN C 173 -2.74 40.77 21.94
CA ASN C 173 -2.85 39.65 22.86
C ASN C 173 -2.34 38.34 22.24
N GLN C 174 -2.68 38.15 20.97
CA GLN C 174 -2.25 36.96 20.24
C GLN C 174 -0.72 36.98 20.09
N LEU C 175 -0.21 38.07 19.54
CA LEU C 175 1.22 38.25 19.34
C LEU C 175 1.99 37.88 20.59
N ILE C 176 1.54 38.42 21.72
CA ILE C 176 2.18 38.14 23.00
C ILE C 176 2.22 36.64 23.28
N GLY C 177 1.05 36.01 23.26
CA GLY C 177 0.95 34.57 23.51
C GLY C 177 1.93 33.79 22.65
N LEU C 178 2.16 34.29 21.43
CA LEU C 178 3.09 33.65 20.51
C LEU C 178 4.50 33.83 21.00
N ILE C 179 4.83 35.07 21.37
CA ILE C 179 6.16 35.40 21.91
C ILE C 179 6.40 34.60 23.19
N ALA C 180 5.41 34.61 24.08
CA ALA C 180 5.48 33.88 25.33
C ALA C 180 5.90 32.44 25.04
N GLU C 181 5.33 31.91 23.96
CA GLU C 181 5.60 30.53 23.56
C GLU C 181 7.05 30.26 23.18
N SER C 182 7.62 31.13 22.35
CA SER C 182 9.01 30.96 21.93
C SER C 182 9.94 31.09 23.12
N ILE C 183 9.61 32.02 24.00
CA ILE C 183 10.39 32.27 25.20
C ILE C 183 10.49 30.98 25.99
N LYS C 184 9.33 30.36 26.22
CA LYS C 184 9.26 29.09 26.95
C LYS C 184 10.24 28.06 26.37
N SER C 185 10.38 28.08 25.04
CA SER C 185 11.28 27.15 24.39
C SER C 185 12.72 27.65 24.45
N LYS C 186 12.89 28.94 24.20
CA LYS C 186 14.21 29.58 24.23
C LYS C 186 14.97 29.14 25.47
N ILE C 187 14.26 29.11 26.58
CA ILE C 187 14.82 28.71 27.86
C ILE C 187 15.39 27.30 27.84
N VAL C 188 14.56 26.34 27.46
CA VAL C 188 15.01 24.96 27.42
C VAL C 188 16.27 24.83 26.57
N GLU C 189 16.35 25.66 25.54
CA GLU C 189 17.48 25.68 24.63
C GLU C 189 18.71 26.38 25.22
N MET C 190 18.46 27.45 25.99
CA MET C 190 19.54 28.21 26.62
C MET C 190 20.28 27.44 27.72
N ILE C 191 19.67 26.36 28.20
CA ILE C 191 20.26 25.58 29.29
C ILE C 191 21.37 24.65 28.80
N ARG C 192 21.32 24.31 27.52
CA ARG C 192 22.28 23.37 26.94
C ARG C 192 23.75 23.81 26.94
N PRO C 193 24.01 25.03 26.47
CA PRO C 193 25.37 25.57 26.38
C PRO C 193 26.07 25.72 27.74
N LEU C 194 25.28 25.68 28.82
CA LEU C 194 25.82 25.79 30.17
C LEU C 194 26.22 24.41 30.66
N ASN C 195 25.39 23.42 30.34
CA ASN C 195 25.65 22.04 30.71
C ASN C 195 26.90 21.54 29.99
N LEU C 196 27.37 22.34 29.04
CA LEU C 196 28.53 22.00 28.22
C LEU C 196 29.80 21.67 28.99
N LYS C 197 30.45 22.69 29.52
CA LYS C 197 31.72 22.51 30.24
C LYS C 197 31.58 21.86 31.63
N GLU C 198 32.72 21.47 32.18
CA GLU C 198 32.77 20.83 33.49
C GLU C 198 32.79 21.86 34.61
N ILE C 199 32.05 21.55 35.68
CA ILE C 199 31.93 22.45 36.82
C ILE C 199 32.68 21.95 38.06
N PRO C 200 32.99 22.88 38.96
CA PRO C 200 33.71 22.58 40.19
C PRO C 200 32.86 21.82 41.20
N GLU C 201 33.43 20.79 41.80
CA GLU C 201 32.72 19.98 42.79
C GLU C 201 32.12 20.88 43.87
N LYS C 202 32.86 21.91 44.25
CA LYS C 202 32.40 22.85 45.27
C LYS C 202 31.13 23.57 44.86
N LEU C 203 31.08 23.95 43.58
CA LEU C 203 29.90 24.65 43.06
C LEU C 203 28.73 23.69 42.99
N LYS C 204 28.99 22.46 42.57
CA LYS C 204 27.93 21.46 42.48
C LYS C 204 27.22 21.34 43.83
N SER C 205 27.97 20.89 44.83
CA SER C 205 27.44 20.72 46.18
C SER C 205 26.69 21.94 46.72
N LEU C 206 27.13 23.12 46.32
CA LEU C 206 26.50 24.36 46.78
C LEU C 206 25.07 24.48 46.28
N ILE C 207 24.90 24.26 44.97
CA ILE C 207 23.59 24.39 44.33
C ILE C 207 22.65 23.22 44.62
N GLU C 208 23.20 22.13 45.16
CA GLU C 208 22.40 20.94 45.45
C GLU C 208 21.72 20.94 46.81
N ARG C 209 22.33 21.60 47.79
CA ARG C 209 21.79 21.65 49.15
C ARG C 209 20.36 22.18 49.23
N ALA D 2 -8.01 1.27 30.44
CA ALA D 2 -7.44 1.63 29.14
C ALA D 2 -5.93 1.40 29.09
N LEU D 3 -5.32 1.79 27.98
CA LEU D 3 -3.88 1.60 27.77
C LEU D 3 -2.98 2.62 28.47
N ASP D 4 -2.08 2.12 29.31
CA ASP D 4 -1.15 2.96 30.04
C ASP D 4 0.20 3.14 29.36
N VAL D 5 0.41 4.33 28.82
CA VAL D 5 1.67 4.67 28.14
C VAL D 5 2.85 4.53 29.08
N LYS D 6 2.56 4.48 30.37
CA LYS D 6 3.60 4.34 31.38
C LYS D 6 4.21 2.95 31.26
N LYS D 7 3.40 2.01 30.76
CA LYS D 7 3.83 0.63 30.61
C LYS D 7 4.25 0.36 29.16
N TYR D 8 3.45 0.86 28.24
CA TYR D 8 3.71 0.66 26.81
C TYR D 8 4.07 1.98 26.13
N PRO D 9 5.30 2.43 26.34
CA PRO D 9 5.80 3.68 25.79
C PRO D 9 5.43 3.92 24.34
N PHE D 10 5.90 3.04 23.47
CA PHE D 10 5.66 3.14 22.02
C PHE D 10 4.23 3.52 21.64
N ILE D 11 3.30 3.45 22.60
CA ILE D 11 1.90 3.79 22.33
C ILE D 11 1.74 5.27 22.00
N LYS D 12 2.70 6.07 22.44
CA LYS D 12 2.71 7.51 22.20
C LYS D 12 3.91 7.85 21.33
N SER D 13 3.71 8.69 20.32
CA SER D 13 4.79 9.06 19.43
C SER D 13 5.72 10.08 20.11
N LEU D 14 7.02 9.83 20.01
CA LEU D 14 8.02 10.71 20.61
C LEU D 14 7.73 12.17 20.30
N ASP D 15 7.43 12.46 19.04
CA ASP D 15 7.13 13.83 18.64
C ASP D 15 5.99 14.39 19.46
N ASP D 16 5.12 13.50 19.91
CA ASP D 16 3.98 13.90 20.72
C ASP D 16 4.39 14.23 22.13
N GLU D 17 5.42 13.53 22.58
CA GLU D 17 5.97 13.74 23.92
C GLU D 17 6.72 15.07 23.98
N LEU D 18 7.70 15.26 23.10
CA LEU D 18 8.47 16.50 23.05
C LEU D 18 7.58 17.74 22.99
N LYS D 19 6.28 17.50 22.75
CA LYS D 19 5.32 18.59 22.66
C LYS D 19 5.17 19.31 24.00
N LYS D 20 5.06 18.53 25.07
CA LYS D 20 4.90 19.09 26.41
C LYS D 20 6.14 19.85 26.89
N TYR D 21 7.11 20.01 26.01
CA TYR D 21 8.36 20.68 26.35
C TYR D 21 8.57 21.93 25.51
N GLY D 22 7.50 22.43 24.90
CA GLY D 22 7.61 23.63 24.07
C GLY D 22 7.82 23.30 22.59
N GLY D 23 7.58 24.29 21.74
CA GLY D 23 7.72 24.12 20.30
C GLY D 23 9.15 24.26 19.79
N GLY D 24 9.59 23.26 19.02
CA GLY D 24 10.92 23.28 18.42
C GLY D 24 11.91 22.49 19.25
N ILE D 25 11.42 21.90 20.34
CA ILE D 25 12.28 21.15 21.23
C ILE D 25 12.50 19.70 20.76
N THR D 26 13.76 19.38 20.50
CA THR D 26 14.15 18.05 20.03
C THR D 26 14.61 17.17 21.19
N LEU D 27 14.57 15.86 20.98
CA LEU D 27 15.00 14.92 22.02
C LEU D 27 16.45 15.19 22.38
N THR D 28 17.27 15.48 21.38
CA THR D 28 18.68 15.75 21.61
C THR D 28 18.87 16.81 22.70
N ASP D 29 18.08 17.88 22.63
CA ASP D 29 18.15 18.94 23.62
C ASP D 29 17.99 18.37 25.02
N LEU D 30 16.80 17.83 25.29
CA LEU D 30 16.49 17.24 26.59
C LEU D 30 17.61 16.35 27.14
N LEU D 31 18.24 15.59 26.26
CA LEU D 31 19.31 14.70 26.69
C LEU D 31 20.55 15.48 27.11
N LEU D 32 20.75 16.64 26.48
CA LEU D 32 21.89 17.51 26.76
C LEU D 32 21.66 18.45 27.94
N ASN D 33 20.42 18.50 28.43
CA ASN D 33 20.07 19.38 29.55
C ASN D 33 19.88 18.53 30.80
N SER D 34 19.48 17.28 30.60
CA SER D 34 19.30 16.32 31.70
C SER D 34 19.93 14.99 31.36
N THR D 35 21.21 14.86 31.70
CA THR D 35 21.98 13.66 31.42
C THR D 35 21.60 12.46 32.28
N THR D 36 20.56 12.60 33.09
CA THR D 36 20.12 11.49 33.94
C THR D 36 19.52 10.39 33.06
N LEU D 37 18.83 10.82 32.01
CA LEU D 37 18.20 9.92 31.05
C LEU D 37 19.23 8.98 30.42
N ILE D 38 20.23 9.58 29.77
CA ILE D 38 21.30 8.84 29.11
C ILE D 38 21.84 7.73 30.00
N ASP D 39 22.08 8.05 31.27
CA ASP D 39 22.58 7.05 32.22
C ASP D 39 21.50 6.02 32.48
N GLN D 40 20.25 6.47 32.48
CA GLN D 40 19.11 5.58 32.68
C GLN D 40 19.07 4.60 31.52
N ALA D 41 19.29 5.11 30.31
CA ALA D 41 19.30 4.29 29.10
C ALA D 41 20.57 3.46 29.01
N LYS D 42 21.72 4.10 29.21
CA LYS D 42 23.00 3.40 29.18
C LYS D 42 22.98 2.18 30.09
N ASP D 43 22.09 2.22 31.08
CA ASP D 43 21.95 1.10 32.02
C ASP D 43 21.10 -0.01 31.39
N ARG D 44 19.97 0.37 30.81
CA ARG D 44 19.09 -0.60 30.16
C ARG D 44 19.91 -1.40 29.17
N ILE D 45 20.86 -0.72 28.54
CA ILE D 45 21.74 -1.35 27.55
C ILE D 45 22.68 -2.37 28.19
N GLN D 46 23.13 -2.09 29.41
CA GLN D 46 24.04 -2.99 30.12
C GLN D 46 23.30 -4.18 30.74
N LYS D 47 22.04 -3.98 31.09
CA LYS D 47 21.24 -5.04 31.69
C LYS D 47 21.02 -6.16 30.68
N THR D 48 20.94 -5.77 29.41
CA THR D 48 20.74 -6.73 28.33
C THR D 48 22.08 -7.32 27.92
N LYS D 49 23.08 -6.45 27.75
CA LYS D 49 24.42 -6.87 27.36
C LYS D 49 24.90 -8.04 28.22
N SER D 50 24.40 -8.10 29.45
CA SER D 50 24.76 -9.17 30.39
C SER D 50 23.72 -10.31 30.37
N GLY D 51 22.51 -9.99 29.92
CA GLY D 51 21.45 -10.98 29.84
C GLY D 51 20.56 -11.01 31.08
N ASP D 52 20.43 -9.87 31.74
CA ASP D 52 19.60 -9.79 32.93
C ASP D 52 18.26 -9.14 32.60
N GLU D 53 17.24 -9.50 33.38
CA GLU D 53 15.89 -8.97 33.17
C GLU D 53 15.87 -7.46 32.92
N LEU D 54 14.77 -6.97 32.36
CA LEU D 54 14.63 -5.56 32.05
C LEU D 54 13.50 -4.90 32.83
N PRO D 55 13.86 -3.96 33.70
CA PRO D 55 12.88 -3.25 34.50
C PRO D 55 11.77 -2.67 33.62
N HIS D 56 10.53 -2.84 34.05
CA HIS D 56 9.39 -2.32 33.31
C HIS D 56 9.50 -0.79 33.18
N TYR D 57 8.82 -0.23 32.18
CA TYR D 57 8.90 1.20 31.92
C TYR D 57 8.24 2.10 32.96
N VAL D 58 7.43 1.52 33.84
CA VAL D 58 6.76 2.30 34.89
C VAL D 58 7.75 2.65 36.00
N SER D 59 8.84 1.87 36.06
CA SER D 59 9.88 2.07 37.07
C SER D 59 10.54 3.45 36.95
N TYR D 60 10.67 3.93 35.72
CA TYR D 60 11.29 5.22 35.47
C TYR D 60 10.33 6.38 35.71
N ASN D 61 10.88 7.59 35.80
CA ASN D 61 10.09 8.79 36.01
C ASN D 61 9.46 9.19 34.68
N GLU D 62 10.32 9.35 33.67
CA GLU D 62 9.88 9.70 32.33
C GLU D 62 10.07 8.46 31.46
N PRO D 63 9.16 7.49 31.65
CA PRO D 63 9.23 6.22 30.93
C PRO D 63 9.40 6.43 29.43
N VAL D 64 8.45 7.15 28.84
CA VAL D 64 8.45 7.42 27.41
C VAL D 64 9.81 7.89 26.91
N LEU D 65 10.35 8.93 27.55
CA LEU D 65 11.64 9.48 27.16
C LEU D 65 12.78 8.47 27.24
N VAL D 66 12.76 7.62 28.27
CA VAL D 66 13.80 6.62 28.42
C VAL D 66 13.73 5.63 27.26
N PHE D 67 12.51 5.36 26.81
CA PHE D 67 12.30 4.44 25.70
C PHE D 67 13.04 4.95 24.46
N TYR D 68 12.58 6.08 23.95
CA TYR D 68 13.20 6.67 22.74
C TYR D 68 14.68 6.99 22.88
N THR D 69 15.19 7.09 24.10
CA THR D 69 16.57 7.42 24.28
C THR D 69 17.40 6.15 24.16
N THR D 70 16.87 5.07 24.71
CA THR D 70 17.56 3.78 24.64
C THR D 70 17.73 3.33 23.19
N LEU D 71 16.71 3.60 22.38
CA LEU D 71 16.76 3.26 20.96
C LEU D 71 17.89 4.10 20.39
N LEU D 72 17.72 5.41 20.48
CA LEU D 72 18.68 6.38 19.98
C LEU D 72 20.10 6.03 20.42
N SER D 73 20.22 5.35 21.55
CA SER D 73 21.52 4.94 22.06
C SER D 73 22.09 3.88 21.13
N LEU D 74 21.39 2.74 21.08
CA LEU D 74 21.72 1.60 20.20
C LEU D 74 22.05 2.07 18.76
N ALA D 75 21.20 2.96 18.25
CA ALA D 75 21.34 3.48 16.91
C ALA D 75 22.76 3.99 16.72
N ILE D 76 23.22 4.81 17.66
CA ILE D 76 24.56 5.38 17.58
C ILE D 76 25.64 4.34 17.87
N LEU D 77 25.32 3.44 18.81
CA LEU D 77 26.24 2.37 19.16
C LEU D 77 26.66 1.62 17.89
N ASN D 78 25.69 1.39 17.01
CA ASN D 78 25.95 0.72 15.75
C ASN D 78 26.28 -0.76 15.92
N ASP D 79 25.63 -1.41 16.88
CA ASP D 79 25.84 -2.84 17.13
C ASP D 79 24.62 -3.67 16.75
N VAL D 80 24.62 -4.17 15.52
CA VAL D 80 23.51 -4.97 15.01
C VAL D 80 23.27 -6.21 15.87
N LYS D 81 24.33 -6.97 16.13
CA LYS D 81 24.23 -8.18 16.94
C LYS D 81 23.58 -7.89 18.28
N LEU D 82 23.85 -6.71 18.82
CA LEU D 82 23.30 -6.30 20.10
C LEU D 82 21.85 -5.85 19.98
N ILE D 83 21.59 -4.97 19.01
CA ILE D 83 20.25 -4.44 18.78
C ILE D 83 19.19 -5.53 18.75
N ARG D 84 19.55 -6.68 18.19
CA ARG D 84 18.64 -7.82 18.14
C ARG D 84 18.45 -8.36 19.54
N ARG D 85 19.57 -8.59 20.22
CA ARG D 85 19.56 -9.12 21.58
C ARG D 85 18.63 -8.28 22.44
N TYR D 86 18.76 -6.96 22.31
CA TYR D 86 17.93 -6.04 23.07
C TYR D 86 16.46 -6.20 22.76
N ALA D 87 16.10 -6.04 21.49
CA ALA D 87 14.72 -6.15 21.05
C ALA D 87 14.09 -7.44 21.56
N TYR D 88 14.91 -8.48 21.67
CA TYR D 88 14.47 -9.77 22.16
C TYR D 88 14.14 -9.65 23.65
N ALA D 89 15.08 -9.10 24.41
CA ALA D 89 14.90 -8.89 25.84
C ALA D 89 13.74 -7.95 26.10
N GLU D 90 13.83 -6.74 25.55
CA GLU D 90 12.79 -5.73 25.69
C GLU D 90 11.43 -6.33 25.38
N ALA D 91 11.45 -7.36 24.54
CA ALA D 91 10.21 -8.06 24.17
C ALA D 91 9.77 -8.92 25.35
N LYS D 92 10.67 -9.76 25.82
CA LYS D 92 10.41 -10.66 26.95
C LYS D 92 9.77 -9.89 28.10
N GLN D 93 10.29 -8.70 28.38
CA GLN D 93 9.78 -7.86 29.45
C GLN D 93 8.32 -7.47 29.21
N PHE D 94 8.05 -6.94 28.03
CA PHE D 94 6.70 -6.52 27.67
C PHE D 94 5.70 -7.67 27.81
N ARG D 95 6.17 -8.88 27.51
CA ARG D 95 5.35 -10.09 27.57
C ARG D 95 4.62 -10.22 28.90
N SER D 96 5.37 -10.04 29.99
CA SER D 96 4.81 -10.14 31.33
C SER D 96 3.66 -9.16 31.52
N LEU D 97 3.94 -7.88 31.31
CA LEU D 97 2.93 -6.84 31.45
C LEU D 97 1.71 -7.16 30.61
N LEU D 98 1.90 -8.04 29.62
CA LEU D 98 0.84 -8.43 28.71
C LEU D 98 -0.05 -9.53 29.29
N HIS D 99 0.58 -10.64 29.68
CA HIS D 99 -0.12 -11.78 30.24
C HIS D 99 -1.13 -11.32 31.28
N THR D 100 -0.81 -10.20 31.92
CA THR D 100 -1.65 -9.61 32.95
C THR D 100 -2.65 -8.59 32.39
N GLU D 101 -2.69 -8.49 31.06
CA GLU D 101 -3.59 -7.55 30.40
C GLU D 101 -4.93 -8.17 30.06
N ASN D 102 -5.92 -7.34 29.75
CA ASN D 102 -7.26 -7.82 29.42
C ASN D 102 -7.61 -7.71 27.95
N GLU D 103 -8.67 -8.41 27.56
CA GLU D 103 -9.14 -8.47 26.18
C GLU D 103 -9.11 -7.14 25.43
N GLU D 104 -10.10 -6.29 25.69
CA GLU D 104 -10.23 -5.00 25.01
C GLU D 104 -8.89 -4.30 24.82
N ASN D 105 -7.99 -4.48 25.78
CA ASN D 105 -6.67 -3.86 25.72
C ASN D 105 -5.77 -4.57 24.70
N LEU D 106 -5.69 -5.88 24.80
CA LEU D 106 -4.89 -6.66 23.86
C LEU D 106 -5.34 -6.41 22.42
N LEU D 107 -6.65 -6.50 22.21
CA LEU D 107 -7.21 -6.26 20.89
C LEU D 107 -6.83 -4.84 20.45
N GLU D 108 -6.58 -3.98 21.43
CA GLU D 108 -6.20 -2.60 21.19
C GLU D 108 -4.70 -2.44 20.87
N ILE D 109 -3.85 -2.95 21.74
CA ILE D 109 -2.41 -2.86 21.54
C ILE D 109 -2.06 -3.44 20.18
N SER D 110 -2.85 -4.41 19.75
CA SER D 110 -2.62 -5.08 18.47
C SER D 110 -2.89 -4.08 17.34
N LYS D 111 -4.10 -3.55 17.32
CA LYS D 111 -4.50 -2.57 16.32
C LYS D 111 -3.46 -1.46 16.19
N LEU D 112 -2.75 -1.20 17.29
CA LEU D 112 -1.73 -0.16 17.32
C LEU D 112 -0.42 -0.65 16.69
N LEU D 113 -0.07 -1.90 16.95
CA LEU D 113 1.13 -2.49 16.39
C LEU D 113 0.85 -2.89 14.94
N ASP D 114 -0.33 -2.53 14.47
CA ASP D 114 -0.76 -2.84 13.11
C ASP D 114 -0.88 -4.34 12.88
N LEU D 115 -1.80 -4.97 13.61
CA LEU D 115 -2.04 -6.40 13.49
C LEU D 115 -3.53 -6.60 13.32
N LYS D 116 -3.93 -7.11 12.15
CA LYS D 116 -5.34 -7.32 11.85
C LYS D 116 -5.90 -8.55 12.56
N ILE D 117 -5.73 -8.59 13.88
CA ILE D 117 -6.21 -9.68 14.71
C ILE D 117 -7.45 -9.26 15.48
N ASN D 118 -8.57 -9.92 15.19
CA ASN D 118 -9.82 -9.61 15.87
C ASN D 118 -10.37 -10.81 16.62
N ARG D 119 -11.67 -10.75 16.89
CA ARG D 119 -12.34 -11.82 17.60
C ARG D 119 -13.52 -12.29 16.78
N CYS D 120 -13.93 -13.52 16.99
CA CYS D 120 -15.03 -14.10 16.25
C CYS D 120 -15.69 -15.21 17.07
N ASP D 121 -16.82 -15.72 16.59
CA ASP D 121 -17.51 -16.79 17.28
C ASP D 121 -16.52 -17.93 17.53
N PRO D 122 -15.95 -17.94 18.72
CA PRO D 122 -14.97 -18.95 19.10
C PRO D 122 -15.43 -20.36 18.72
N ILE D 123 -14.45 -21.23 18.50
CA ILE D 123 -14.71 -22.61 18.13
C ILE D 123 -14.13 -23.54 19.18
N LYS D 124 -14.93 -24.51 19.63
CA LYS D 124 -14.49 -25.45 20.64
C LYS D 124 -14.33 -26.84 20.04
N PHE D 125 -13.38 -27.60 20.57
CA PHE D 125 -13.15 -28.96 20.13
C PHE D 125 -12.47 -29.79 21.20
N TYR D 126 -12.03 -30.99 20.82
CA TYR D 126 -11.35 -31.90 21.74
C TYR D 126 -9.84 -31.88 21.53
N ILE D 133 -12.13 -30.01 26.49
CA ILE D 133 -12.52 -29.13 25.40
C ILE D 133 -11.63 -27.88 25.33
N ILE D 134 -11.03 -27.66 24.18
CA ILE D 134 -10.18 -26.49 23.95
C ILE D 134 -10.89 -25.55 22.99
N GLN D 135 -10.69 -24.24 23.16
CA GLN D 135 -11.33 -23.28 22.28
C GLN D 135 -10.45 -22.08 21.96
N LYS D 136 -10.83 -21.34 20.93
CA LYS D 136 -10.12 -20.14 20.49
C LYS D 136 -11.11 -19.14 19.92
N GLU D 137 -10.95 -17.86 20.28
CA GLU D 137 -11.88 -16.81 19.85
C GLU D 137 -11.29 -15.75 18.93
N PHE D 138 -9.96 -15.68 18.87
CA PHE D 138 -9.29 -14.69 18.03
C PHE D 138 -8.93 -15.28 16.67
N CYS D 139 -9.29 -14.57 15.59
CA CYS D 139 -8.98 -15.05 14.25
C CYS D 139 -8.25 -14.01 13.40
N VAL D 140 -7.21 -14.48 12.71
CA VAL D 140 -6.40 -13.67 11.82
C VAL D 140 -6.49 -14.24 10.42
N HIS D 141 -6.48 -13.39 9.40
CA HIS D 141 -6.52 -13.89 8.04
C HIS D 141 -5.22 -14.65 7.75
N PHE D 142 -5.36 -15.84 7.17
CA PHE D 142 -4.20 -16.68 6.90
C PHE D 142 -3.08 -15.97 6.14
N ILE D 143 -3.45 -15.00 5.31
CA ILE D 143 -2.47 -14.26 4.54
C ILE D 143 -1.65 -13.41 5.50
N ASP D 144 -2.38 -12.69 6.36
CA ASP D 144 -1.79 -11.82 7.37
C ASP D 144 -0.95 -12.67 8.30
N TYR D 145 -1.57 -13.72 8.82
CA TYR D 145 -0.90 -14.64 9.74
C TYR D 145 0.49 -15.07 9.26
N LEU D 146 0.59 -15.46 7.99
CA LEU D 146 1.87 -15.88 7.45
C LEU D 146 2.86 -14.73 7.50
N LYS D 147 2.33 -13.51 7.37
CA LYS D 147 3.14 -12.29 7.41
C LYS D 147 3.67 -12.05 8.83
N TYR D 148 2.79 -12.27 9.81
CA TYR D 148 3.13 -12.08 11.22
C TYR D 148 4.09 -13.16 11.72
N THR D 149 3.85 -14.40 11.32
CA THR D 149 4.66 -15.53 11.77
C THR D 149 5.88 -15.76 10.88
N LYS D 150 6.21 -14.76 10.06
CA LYS D 150 7.31 -14.86 9.13
C LYS D 150 8.72 -14.98 9.71
N ASP D 151 8.82 -15.27 11.01
CA ASP D 151 10.14 -15.38 11.63
C ASP D 151 10.16 -16.27 12.85
N LEU D 152 8.98 -16.71 13.27
CA LEU D 152 8.87 -17.56 14.45
C LEU D 152 9.43 -18.96 14.25
N LYS D 153 9.73 -19.62 15.37
CA LYS D 153 10.25 -20.98 15.33
C LYS D 153 9.19 -21.92 14.78
N GLU D 154 9.42 -23.22 14.93
CA GLU D 154 8.51 -24.23 14.39
C GLU D 154 7.09 -24.31 14.96
N ASP D 155 6.88 -23.79 16.15
CA ASP D 155 5.55 -23.89 16.78
C ASP D 155 4.42 -23.14 16.08
N TRP D 156 4.75 -22.30 15.10
CA TRP D 156 3.74 -21.49 14.43
C TRP D 156 3.38 -21.94 13.02
N LYS D 157 4.03 -22.99 12.54
CA LYS D 157 3.77 -23.50 11.20
C LYS D 157 2.27 -23.73 10.97
N LEU D 158 1.77 -23.16 9.87
CA LEU D 158 0.37 -23.25 9.46
C LEU D 158 -0.25 -24.63 9.68
N SER D 159 0.52 -25.67 9.35
CA SER D 159 0.04 -27.04 9.50
C SER D 159 -0.41 -27.35 10.92
N GLY D 160 0.30 -26.78 11.90
CA GLY D 160 -0.03 -26.97 13.30
C GLY D 160 -1.26 -26.14 13.68
N GLN D 161 -1.37 -24.95 13.10
CA GLN D 161 -2.49 -24.06 13.38
C GLN D 161 -3.84 -24.66 12.95
N ILE D 162 -4.88 -23.83 13.02
CA ILE D 162 -6.24 -24.28 12.71
C ILE D 162 -7.02 -23.23 11.91
N LEU D 163 -7.30 -23.54 10.64
CA LEU D 163 -8.03 -22.62 9.76
C LEU D 163 -9.52 -22.92 9.71
N HIS D 164 -10.27 -22.00 9.09
CA HIS D 164 -11.71 -22.17 8.92
C HIS D 164 -12.25 -20.97 8.17
N LYS D 165 -12.83 -21.24 7.01
CA LYS D 165 -13.40 -20.17 6.19
C LYS D 165 -12.40 -19.06 5.91
N GLY D 166 -11.11 -19.36 6.07
CA GLY D 166 -10.07 -18.37 5.77
C GLY D 166 -9.25 -17.81 6.93
N TYR D 167 -9.69 -18.06 8.16
CA TYR D 167 -8.99 -17.51 9.32
C TYR D 167 -8.31 -18.51 10.23
N VAL D 168 -7.11 -18.15 10.68
CA VAL D 168 -6.33 -18.95 11.62
C VAL D 168 -6.87 -18.60 13.00
N TYR D 169 -7.36 -19.59 13.74
CA TYR D 169 -7.90 -19.29 15.07
C TYR D 169 -6.83 -19.32 16.15
N LEU D 170 -6.92 -18.36 17.07
CA LEU D 170 -5.95 -18.24 18.14
C LEU D 170 -6.56 -18.10 19.53
N ASP D 171 -5.77 -18.49 20.54
CA ASP D 171 -6.17 -18.36 21.92
C ASP D 171 -5.40 -17.16 22.47
N LYS D 172 -5.86 -16.60 23.58
CA LYS D 172 -5.20 -15.45 24.19
C LYS D 172 -3.68 -15.59 24.28
N ASN D 173 -3.21 -16.72 24.77
CA ASN D 173 -1.77 -16.97 24.88
C ASN D 173 -1.07 -16.90 23.53
N GLN D 174 -1.79 -17.31 22.49
CA GLN D 174 -1.25 -17.28 21.13
C GLN D 174 -1.22 -15.83 20.66
N LEU D 175 -2.28 -15.09 21.00
CA LEU D 175 -2.40 -13.69 20.66
C LEU D 175 -1.23 -12.87 21.22
N ILE D 176 -0.88 -13.14 22.46
CA ILE D 176 0.22 -12.45 23.12
C ILE D 176 1.54 -12.76 22.42
N GLY D 177 1.75 -14.03 22.09
CA GLY D 177 2.99 -14.44 21.42
C GLY D 177 3.24 -13.62 20.15
N LEU D 178 2.17 -13.35 19.40
CA LEU D 178 2.25 -12.56 18.18
C LEU D 178 2.66 -11.14 18.52
N ILE D 179 1.91 -10.51 19.42
CA ILE D 179 2.18 -9.16 19.87
C ILE D 179 3.65 -9.02 20.28
N ALA D 180 4.13 -9.99 21.05
CA ALA D 180 5.52 -10.00 21.47
C ALA D 180 6.42 -9.95 20.25
N GLU D 181 5.94 -10.55 19.17
CA GLU D 181 6.67 -10.60 17.91
C GLU D 181 6.72 -9.23 17.27
N SER D 182 5.54 -8.67 17.06
CA SER D 182 5.40 -7.38 16.45
C SER D 182 6.33 -6.38 17.12
N ILE D 183 6.21 -6.25 18.44
CA ILE D 183 7.08 -5.38 19.22
C ILE D 183 8.56 -5.62 18.93
N LYS D 184 8.97 -6.88 18.93
CA LYS D 184 10.35 -7.25 18.66
C LYS D 184 10.84 -6.59 17.37
N SER D 185 10.01 -6.65 16.34
CA SER D 185 10.36 -6.09 15.05
C SER D 185 10.13 -4.59 15.02
N LYS D 186 8.98 -4.16 15.55
CA LYS D 186 8.64 -2.74 15.61
C LYS D 186 9.83 -1.94 16.14
N ILE D 187 10.51 -2.51 17.13
CA ILE D 187 11.68 -1.87 17.71
C ILE D 187 12.78 -1.70 16.66
N VAL D 188 13.25 -2.82 16.14
CA VAL D 188 14.31 -2.84 15.15
C VAL D 188 14.12 -1.81 14.02
N GLU D 189 12.92 -1.79 13.46
CA GLU D 189 12.62 -0.86 12.38
C GLU D 189 12.85 0.56 12.82
N MET D 190 12.45 0.86 14.07
CA MET D 190 12.60 2.20 14.61
C MET D 190 14.04 2.61 14.80
N ILE D 191 14.87 1.67 15.26
CA ILE D 191 16.29 1.95 15.49
C ILE D 191 17.08 2.20 14.20
N ARG D 192 16.52 1.81 13.06
CA ARG D 192 17.20 1.99 11.79
C ARG D 192 17.39 3.46 11.39
N PRO D 193 16.29 4.18 11.21
CA PRO D 193 16.35 5.59 10.82
C PRO D 193 16.98 6.47 11.89
N LEU D 194 17.35 5.88 13.01
CA LEU D 194 17.98 6.62 14.11
C LEU D 194 19.41 7.02 13.78
N ASN D 195 19.95 6.48 12.69
CA ASN D 195 21.30 6.82 12.26
C ASN D 195 21.25 8.13 11.49
N LEU D 196 20.57 9.12 12.07
CA LEU D 196 20.41 10.44 11.47
C LEU D 196 21.75 11.11 11.14
N LYS D 197 22.74 10.92 12.00
CA LYS D 197 24.08 11.49 11.80
C LYS D 197 24.19 12.99 12.11
N GLU D 198 23.05 13.65 12.29
CA GLU D 198 23.04 15.07 12.61
C GLU D 198 23.17 15.30 14.11
N ILE D 199 23.75 14.32 14.80
CA ILE D 199 23.95 14.40 16.24
C ILE D 199 25.20 15.22 16.55
N PRO D 200 25.26 15.76 17.76
CA PRO D 200 26.40 16.55 18.19
C PRO D 200 27.54 15.67 18.70
N GLU D 201 28.76 16.08 18.40
CA GLU D 201 29.95 15.34 18.81
C GLU D 201 29.93 15.10 20.33
N LYS D 202 29.41 16.08 21.07
CA LYS D 202 29.35 16.00 22.52
C LYS D 202 28.38 14.93 23.01
N LEU D 203 27.34 14.68 22.24
CA LEU D 203 26.35 13.66 22.59
C LEU D 203 26.91 12.28 22.27
N LYS D 204 27.55 12.16 21.10
CA LYS D 204 28.14 10.91 20.67
C LYS D 204 29.09 10.34 21.72
N SER D 205 30.13 11.11 22.06
CA SER D 205 31.13 10.71 23.05
C SER D 205 30.47 10.31 24.37
N LEU D 206 29.40 11.01 24.71
CA LEU D 206 28.65 10.80 25.93
C LEU D 206 28.04 9.41 26.04
N ILE D 207 27.47 8.92 24.95
CA ILE D 207 26.84 7.61 24.95
C ILE D 207 27.85 6.49 24.71
N GLU D 208 29.00 6.86 24.18
CA GLU D 208 30.06 5.89 23.89
C GLU D 208 30.76 5.39 25.15
N ARG D 209 31.15 6.31 26.03
CA ARG D 209 31.84 5.96 27.28
C ARG D 209 31.16 4.83 28.05
#